data_5QA6
#
_entry.id   5QA6
#
_cell.length_a   89.008
_cell.length_b   108.992
_cell.length_c   124.791
_cell.angle_alpha   90.000
_cell.angle_beta   90.000
_cell.angle_gamma   90.000
#
_symmetry.space_group_name_H-M   'P 21 21 21'
#
loop_
_entity.id
_entity.type
_entity.pdbx_description
1 polymer Beta-lactamase
2 non-polymer '3-(2-hydroxyphenyl)benzoic acid'
3 non-polymer 'CHLORIDE ION'
4 non-polymer 1,2-ETHANEDIOL
5 water water
#
_entity_poly.entity_id   1
_entity_poly.type   'polypeptide(L)'
_entity_poly.pdbx_seq_one_letter_code
;KEWQENKSWNAHFTEHKSQGVVVLWNENKQQGFTNNLKRANQAFLPASTF(KCX)IPNSLIALDLGVVKDEHQVFKWDGQ
TRDIATWNRDHNLITAMKYSVVPVYQEFARQIGEARMSKMLHAFDYGNEDISGNVDSFWLDGGIRISATEQISFLRKLYH
NKLHVSERSQRIVKQAMLTEANGDYIIRAKTGYSTRIEPKIGWWVGWVELDDNVWFFAMNMDMPTSDGLGLRQAITKEVL
KQEKIIP
;
_entity_poly.pdbx_strand_id   A,B,C,D
#
loop_
_chem_comp.id
_chem_comp.type
_chem_comp.name
_chem_comp.formula
AUV non-polymer '3-(2-hydroxyphenyl)benzoic acid' 'C13 H10 O3'
CL non-polymer 'CHLORIDE ION' 'Cl -1'
EDO non-polymer 1,2-ETHANEDIOL 'C2 H6 O2'
#
# COMPACT_ATOMS: atom_id res chain seq x y z
N GLU A 2 30.95 -42.55 16.34
CA GLU A 2 29.55 -42.17 16.18
C GLU A 2 29.39 -40.82 15.50
N TRP A 3 30.28 -39.89 15.85
CA TRP A 3 30.24 -38.54 15.31
C TRP A 3 31.59 -38.24 14.69
N GLN A 4 31.57 -37.71 13.47
CA GLN A 4 32.79 -37.30 12.79
C GLN A 4 32.65 -35.84 12.34
N GLU A 5 33.73 -35.10 12.55
CA GLU A 5 33.83 -33.70 12.17
C GLU A 5 34.72 -33.57 10.95
N ASN A 6 34.25 -32.90 9.92
CA ASN A 6 35.03 -32.66 8.70
C ASN A 6 35.12 -31.15 8.52
N LYS A 7 36.18 -30.53 9.01
CA LYS A 7 36.24 -29.08 8.92
C LYS A 7 36.36 -28.60 7.47
N SER A 8 36.72 -29.48 6.55
CA SER A 8 36.86 -29.06 5.17
C SER A 8 35.52 -28.62 4.59
N TRP A 9 34.42 -29.13 5.14
CA TRP A 9 33.09 -28.70 4.71
C TRP A 9 32.80 -27.23 4.99
N ASN A 10 33.61 -26.58 5.84
CA ASN A 10 33.42 -25.15 6.08
C ASN A 10 33.46 -24.35 4.79
N ALA A 11 34.12 -24.88 3.76
CA ALA A 11 34.20 -24.19 2.47
C ALA A 11 32.82 -23.92 1.90
N HIS A 12 31.84 -24.79 2.15
CA HIS A 12 30.50 -24.53 1.64
C HIS A 12 29.95 -23.22 2.14
N PHE A 13 30.31 -22.81 3.36
CA PHE A 13 29.85 -21.53 3.90
C PHE A 13 30.81 -20.39 3.57
N THR A 14 32.11 -20.58 3.76
CA THR A 14 33.05 -19.48 3.60
C THR A 14 33.13 -18.99 2.15
N GLU A 15 32.91 -19.89 1.18
CA GLU A 15 32.88 -19.48 -0.22
C GLU A 15 31.75 -18.51 -0.51
N HIS A 16 30.75 -18.42 0.36
CA HIS A 16 29.71 -17.40 0.26
C HIS A 16 29.89 -16.32 1.33
N LYS A 17 31.11 -16.11 1.81
CA LYS A 17 31.34 -15.07 2.81
C LYS A 17 30.46 -15.28 4.04
N SER A 18 30.17 -16.53 4.38
CA SER A 18 29.27 -16.85 5.48
C SER A 18 29.96 -17.81 6.45
N GLN A 19 29.20 -18.22 7.45
CA GLN A 19 29.60 -19.23 8.42
C GLN A 19 28.34 -20.00 8.83
N GLY A 20 28.49 -21.28 9.10
CA GLY A 20 27.33 -22.06 9.50
C GLY A 20 27.72 -23.46 9.89
N VAL A 21 26.70 -24.28 10.09
CA VAL A 21 26.87 -25.69 10.45
C VAL A 21 25.88 -26.51 9.66
N VAL A 22 26.33 -27.65 9.18
CA VAL A 22 25.46 -28.70 8.65
C VAL A 22 25.66 -29.94 9.50
N VAL A 23 24.56 -30.57 9.89
CA VAL A 23 24.58 -31.85 10.61
C VAL A 23 23.80 -32.87 9.80
N LEU A 24 24.44 -34.02 9.53
CA LEU A 24 23.81 -35.12 8.81
C LEU A 24 23.76 -36.33 9.72
N TRP A 25 22.68 -37.12 9.62
CA TRP A 25 22.56 -38.34 10.41
C TRP A 25 22.12 -39.49 9.50
N ASN A 26 22.96 -40.53 9.43
CA ASN A 26 22.68 -41.74 8.64
C ASN A 26 21.88 -42.69 9.51
N GLU A 27 20.59 -42.85 9.21
CA GLU A 27 19.73 -43.64 10.10
C GLU A 27 20.14 -45.12 10.10
N ASN A 28 20.45 -45.68 8.92
CA ASN A 28 20.82 -47.09 8.88
C ASN A 28 22.07 -47.35 9.72
N LYS A 29 23.09 -46.51 9.58
CA LYS A 29 24.33 -46.75 10.28
C LYS A 29 24.39 -46.11 11.66
N GLN A 30 23.43 -45.26 12.01
CA GLN A 30 23.43 -44.58 13.30
C GLN A 30 24.75 -43.83 13.51
N GLN A 31 25.12 -43.04 12.51
CA GLN A 31 26.35 -42.26 12.52
C GLN A 31 26.04 -40.85 12.09
N GLY A 32 26.70 -39.89 12.73
CA GLY A 32 26.52 -38.48 12.43
C GLY A 32 27.77 -37.80 11.88
N PHE A 33 27.55 -36.72 11.13
CA PHE A 33 28.60 -35.99 10.44
C PHE A 33 28.30 -34.50 10.52
N THR A 34 29.34 -33.68 10.75
CA THR A 34 29.17 -32.24 10.78
C THR A 34 30.49 -31.55 10.47
N ASN A 35 30.41 -30.29 10.06
CA ASN A 35 31.60 -29.49 9.87
C ASN A 35 32.06 -28.81 11.14
N ASN A 36 31.23 -28.75 12.17
CA ASN A 36 31.56 -27.97 13.35
C ASN A 36 30.78 -28.53 14.55
N LEU A 37 31.43 -29.38 15.33
CA LEU A 37 30.80 -29.97 16.49
C LEU A 37 30.33 -28.92 17.49
N LYS A 38 31.09 -27.83 17.68
CA LYS A 38 30.66 -26.83 18.64
C LYS A 38 29.36 -26.17 18.20
N ARG A 39 29.33 -25.64 16.97
CA ARG A 39 28.12 -24.96 16.52
C ARG A 39 26.95 -25.93 16.38
N ALA A 40 27.23 -27.20 16.09
CA ALA A 40 26.17 -28.21 16.03
C ALA A 40 25.41 -28.30 17.34
N ASN A 41 26.03 -27.95 18.45
CA ASN A 41 25.42 -28.03 19.77
C ASN A 41 25.13 -26.65 20.38
N GLN A 42 25.28 -25.59 19.62
CA GLN A 42 24.90 -24.27 20.08
C GLN A 42 23.43 -24.04 19.81
N ALA A 43 22.74 -23.46 20.79
CA ALA A 43 21.28 -23.31 20.76
C ALA A 43 20.85 -21.95 20.22
N PHE A 44 19.95 -21.95 19.24
CA PHE A 44 19.44 -20.74 18.63
C PHE A 44 17.93 -20.71 18.74
N LEU A 45 17.33 -19.53 18.51
CA LEU A 45 15.88 -19.46 18.33
C LEU A 45 15.45 -20.38 17.19
N PRO A 46 14.37 -21.13 17.34
CA PRO A 46 13.94 -22.02 16.24
C PRO A 46 13.27 -21.26 15.11
N ALA A 47 12.68 -20.12 15.44
CA ALA A 47 11.90 -19.31 14.48
C ALA A 47 10.93 -20.25 13.77
N SER A 48 10.80 -20.17 12.44
CA SER A 48 9.73 -20.91 11.77
C SER A 48 9.94 -22.42 11.73
N THR A 49 11.11 -22.95 12.13
CA THR A 49 11.16 -24.39 12.30
C THR A 49 10.25 -24.84 13.43
N PHE A 50 9.81 -23.91 14.29
CA PHE A 50 8.88 -24.25 15.36
C PHE A 50 7.49 -24.60 14.83
N KCX A 51 7.24 -24.30 13.56
CA KCX A 51 5.94 -24.64 12.98
CB KCX A 51 5.79 -24.02 11.59
CG KCX A 51 5.61 -22.48 11.63
CD KCX A 51 5.35 -21.85 10.27
CE KCX A 51 5.06 -20.35 10.39
NZ KCX A 51 6.26 -19.64 10.94
C KCX A 51 5.75 -26.18 12.94
O KCX A 51 4.62 -26.66 12.86
CX KCX A 51 6.37 -19.21 12.18
OQ1 KCX A 51 7.44 -18.65 12.55
OQ2 KCX A 51 5.41 -19.36 12.95
H KCX A 51 7.78 -23.91 13.02
HA KCX A 51 5.24 -24.27 13.55
HB2 KCX A 51 5.01 -24.40 11.15
HG2 KCX A 51 6.41 -22.08 11.99
HD2 KCX A 51 4.57 -22.28 9.87
HE2 KCX A 51 4.33 -20.23 11.02
N ILE A 52 6.83 -26.95 13.07
CA ILE A 52 6.68 -28.40 13.11
C ILE A 52 6.02 -28.80 14.44
N PRO A 53 6.65 -28.50 15.58
CA PRO A 53 5.98 -28.86 16.84
C PRO A 53 4.65 -28.15 17.04
N ASN A 54 4.57 -26.88 16.63
CA ASN A 54 3.32 -26.13 16.80
C ASN A 54 2.18 -26.80 16.04
N SER A 55 2.43 -27.26 14.81
CA SER A 55 1.41 -27.99 14.06
C SER A 55 0.98 -29.27 14.77
N LEU A 56 1.96 -30.02 15.29
CA LEU A 56 1.65 -31.28 15.96
C LEU A 56 0.71 -31.06 17.13
N ILE A 57 1.02 -30.04 17.94
CA ILE A 57 0.24 -29.76 19.13
C ILE A 57 -1.16 -29.30 18.75
N ALA A 58 -1.25 -28.38 17.77
CA ALA A 58 -2.54 -27.87 17.33
C ALA A 58 -3.43 -28.99 16.81
N LEU A 59 -2.87 -29.91 16.04
CA LEU A 59 -3.64 -31.04 15.53
C LEU A 59 -4.06 -31.97 16.65
N ASP A 60 -3.15 -32.30 17.56
CA ASP A 60 -3.46 -33.31 18.57
C ASP A 60 -4.49 -32.80 19.56
N LEU A 61 -4.54 -31.50 19.79
CA LEU A 61 -5.52 -30.91 20.69
C LEU A 61 -6.83 -30.55 20.02
N GLY A 62 -6.93 -30.72 18.71
CA GLY A 62 -8.15 -30.34 18.03
C GLY A 62 -8.26 -28.86 17.69
N VAL A 63 -7.24 -28.05 18.01
CA VAL A 63 -7.21 -26.67 17.55
C VAL A 63 -7.30 -26.60 16.04
N VAL A 64 -6.61 -27.51 15.36
CA VAL A 64 -6.72 -27.68 13.92
C VAL A 64 -7.38 -29.02 13.66
N LYS A 65 -8.44 -29.01 12.87
CA LYS A 65 -9.22 -30.22 12.58
C LYS A 65 -8.47 -31.16 11.65
N ASP A 66 -7.98 -30.65 10.53
CA ASP A 66 -7.25 -31.44 9.55
C ASP A 66 -6.55 -30.47 8.62
N GLU A 67 -5.84 -31.02 7.61
CA GLU A 67 -5.02 -30.23 6.73
C GLU A 67 -5.83 -29.47 5.68
N HIS A 68 -7.16 -29.63 5.68
CA HIS A 68 -8.03 -28.89 4.76
C HIS A 68 -8.72 -27.70 5.40
N GLN A 69 -8.77 -27.65 6.73
CA GLN A 69 -9.43 -26.56 7.43
C GLN A 69 -8.83 -25.23 7.02
N VAL A 70 -9.70 -24.27 6.65
CA VAL A 70 -9.24 -22.98 6.13
C VAL A 70 -9.10 -21.99 7.28
N PHE A 71 -7.94 -21.35 7.38
CA PHE A 71 -7.70 -20.28 8.34
C PHE A 71 -7.83 -18.96 7.58
N LYS A 72 -8.92 -18.26 7.82
CA LYS A 72 -9.22 -17.09 7.00
C LYS A 72 -8.26 -15.96 7.33
N TRP A 73 -7.80 -15.27 6.29
CA TRP A 73 -7.00 -14.05 6.47
C TRP A 73 -7.75 -13.06 7.33
N ASP A 74 -7.06 -12.47 8.31
CA ASP A 74 -7.71 -11.51 9.19
C ASP A 74 -7.89 -10.14 8.57
N GLY A 75 -7.56 -9.97 7.28
CA GLY A 75 -7.82 -8.71 6.63
C GLY A 75 -6.83 -7.61 6.97
N GLN A 76 -5.78 -7.92 7.72
CA GLN A 76 -4.72 -6.96 7.98
C GLN A 76 -3.61 -7.12 6.96
N THR A 77 -3.35 -6.07 6.20
CA THR A 77 -2.32 -6.15 5.17
C THR A 77 -0.93 -6.21 5.80
N ARG A 78 -0.20 -7.29 5.51
CA ARG A 78 1.16 -7.47 5.97
C ARG A 78 2.10 -7.41 4.78
N ASP A 79 3.40 -7.29 5.06
CA ASP A 79 4.39 -7.03 4.02
C ASP A 79 4.80 -8.28 3.26
N ILE A 80 4.33 -9.46 3.65
CA ILE A 80 4.58 -10.69 2.92
C ILE A 80 3.31 -10.98 2.12
N ALA A 81 3.36 -10.82 0.80
CA ALA A 81 2.14 -10.86 0.00
C ALA A 81 1.42 -12.20 0.17
N THR A 82 2.14 -13.31 0.24
CA THR A 82 1.49 -14.60 0.36
C THR A 82 0.77 -14.79 1.70
N TRP A 83 1.04 -13.94 2.69
CA TRP A 83 0.32 -14.02 3.96
C TRP A 83 -1.06 -13.36 3.89
N ASN A 84 -1.31 -12.52 2.89
CA ASN A 84 -2.57 -11.78 2.79
C ASN A 84 -3.61 -12.58 2.00
N ARG A 85 -3.87 -13.78 2.51
CA ARG A 85 -4.81 -14.69 1.86
C ARG A 85 -5.18 -15.80 2.85
N ASP A 86 -6.20 -16.57 2.46
CA ASP A 86 -6.60 -17.71 3.25
C ASP A 86 -5.56 -18.83 3.13
N HIS A 87 -5.42 -19.63 4.18
CA HIS A 87 -4.47 -20.73 4.20
C HIS A 87 -5.08 -21.96 4.84
N ASN A 88 -4.53 -23.12 4.49
CA ASN A 88 -4.71 -24.32 5.29
C ASN A 88 -3.35 -24.70 5.87
N LEU A 89 -3.30 -25.85 6.55
CA LEU A 89 -2.04 -26.26 7.17
C LEU A 89 -0.93 -26.42 6.14
N ILE A 90 -1.26 -26.96 4.96
CA ILE A 90 -0.25 -27.21 3.93
C ILE A 90 0.37 -25.89 3.46
N THR A 91 -0.46 -24.94 3.03
CA THR A 91 0.06 -23.69 2.50
C THR A 91 0.61 -22.82 3.62
N ALA A 92 0.05 -22.93 4.83
CA ALA A 92 0.61 -22.17 5.95
C ALA A 92 2.05 -22.59 6.24
N MET A 93 2.35 -23.88 6.16
N MET A 93 2.33 -23.89 6.20
CA MET A 93 3.73 -24.32 6.33
CA MET A 93 3.69 -24.38 6.30
C MET A 93 4.58 -23.97 5.12
C MET A 93 4.53 -23.91 5.12
N LYS A 94 4.03 -24.11 3.90
CA LYS A 94 4.79 -23.78 2.70
C LYS A 94 5.23 -22.33 2.69
N TYR A 95 4.34 -21.41 3.06
CA TYR A 95 4.66 -19.98 3.02
C TYR A 95 5.04 -19.40 4.38
N SER A 96 5.35 -20.26 5.36
N SER A 96 5.33 -20.26 5.36
CA SER A 96 5.78 -19.84 6.70
CA SER A 96 5.76 -19.87 6.70
C SER A 96 4.91 -18.72 7.26
C SER A 96 4.91 -18.72 7.24
N VAL A 97 3.60 -18.95 7.27
CA VAL A 97 2.65 -17.89 7.58
C VAL A 97 2.55 -17.67 9.09
N VAL A 98 3.42 -16.80 9.60
CA VAL A 98 3.50 -16.54 11.04
C VAL A 98 2.13 -16.24 11.66
N PRO A 99 1.33 -15.32 11.14
CA PRO A 99 0.11 -14.94 11.86
C PRO A 99 -0.89 -16.07 12.07
N VAL A 100 -0.94 -17.06 11.17
CA VAL A 100 -1.78 -18.23 11.38
C VAL A 100 -1.28 -19.04 12.58
N TYR A 101 0.03 -19.24 12.68
CA TYR A 101 0.60 -20.00 13.78
C TYR A 101 0.59 -19.23 15.09
N GLN A 102 0.59 -17.89 15.03
CA GLN A 102 0.40 -17.15 16.26
C GLN A 102 -0.98 -17.41 16.87
N GLU A 103 -2.00 -17.53 16.02
CA GLU A 103 -3.33 -17.85 16.54
C GLU A 103 -3.38 -19.29 17.06
N PHE A 104 -2.70 -20.23 16.40
CA PHE A 104 -2.61 -21.58 16.96
C PHE A 104 -2.12 -21.52 18.40
N ALA A 105 -1.01 -20.80 18.63
CA ALA A 105 -0.38 -20.77 19.95
C ALA A 105 -1.30 -20.17 21.01
N ARG A 106 -2.03 -19.11 20.64
CA ARG A 106 -2.98 -18.50 21.58
C ARG A 106 -4.05 -19.50 22.00
N GLN A 107 -4.55 -20.29 21.07
CA GLN A 107 -5.58 -21.29 21.40
C GLN A 107 -5.01 -22.48 22.13
N ILE A 108 -3.76 -22.87 21.84
CA ILE A 108 -3.10 -23.89 22.64
C ILE A 108 -2.96 -23.42 24.08
N GLY A 109 -2.46 -22.20 24.27
CA GLY A 109 -2.28 -21.67 25.59
C GLY A 109 -0.95 -22.09 26.20
N GLU A 110 -0.50 -21.29 27.17
CA GLU A 110 0.82 -21.47 27.78
C GLU A 110 0.98 -22.85 28.42
N ALA A 111 0.00 -23.27 29.22
CA ALA A 111 0.15 -24.48 30.01
C ALA A 111 0.30 -25.71 29.12
N ARG A 112 -0.58 -25.86 28.12
CA ARG A 112 -0.52 -27.02 27.25
C ARG A 112 0.71 -26.97 26.35
N MET A 113 1.08 -25.80 25.86
CA MET A 113 2.27 -25.69 25.03
C MET A 113 3.51 -26.13 25.80
N SER A 114 3.66 -25.65 27.03
CA SER A 114 4.82 -26.00 27.85
C SER A 114 4.87 -27.50 28.11
N LYS A 115 3.72 -28.08 28.47
CA LYS A 115 3.68 -29.50 28.78
C LYS A 115 4.05 -30.33 27.56
N MET A 116 3.55 -29.94 26.38
CA MET A 116 3.80 -30.71 25.18
C MET A 116 5.25 -30.61 24.74
N LEU A 117 5.86 -29.44 24.86
CA LEU A 117 7.26 -29.32 24.49
C LEU A 117 8.16 -30.15 25.41
N HIS A 118 7.83 -30.20 26.69
CA HIS A 118 8.57 -31.10 27.57
C HIS A 118 8.38 -32.54 27.15
N ALA A 119 7.16 -32.91 26.78
CA ALA A 119 6.90 -34.27 26.34
C ALA A 119 7.70 -34.62 25.10
N PHE A 120 7.89 -33.66 24.20
CA PHE A 120 8.69 -33.82 23.00
C PHE A 120 10.19 -33.77 23.26
N ASP A 121 10.62 -33.40 24.46
CA ASP A 121 12.04 -33.17 24.75
C ASP A 121 12.63 -32.14 23.80
N TYR A 122 11.85 -31.10 23.48
CA TYR A 122 12.16 -30.17 22.39
C TYR A 122 13.03 -29.01 22.88
N GLY A 123 14.27 -28.99 22.42
CA GLY A 123 15.17 -27.88 22.75
C GLY A 123 15.25 -27.70 24.25
N ASN A 124 15.32 -26.45 24.67
CA ASN A 124 15.35 -26.18 26.10
C ASN A 124 13.96 -26.15 26.72
N GLU A 125 12.91 -26.43 25.92
CA GLU A 125 11.55 -26.63 26.43
C GLU A 125 11.02 -25.40 27.16
N ASP A 126 11.54 -24.21 26.86
CA ASP A 126 11.27 -23.01 27.64
C ASP A 126 10.46 -22.05 26.79
N ILE A 127 9.22 -21.80 27.20
CA ILE A 127 8.35 -20.94 26.41
C ILE A 127 8.28 -19.53 27.01
N SER A 128 9.23 -19.16 27.88
CA SER A 128 9.24 -17.83 28.44
C SER A 128 9.13 -16.78 27.34
N GLY A 129 8.35 -15.75 27.60
CA GLY A 129 8.04 -14.74 26.61
C GLY A 129 6.54 -14.70 26.34
N ASN A 130 6.15 -14.09 25.24
CA ASN A 130 4.76 -14.04 24.85
C ASN A 130 4.35 -15.34 24.17
N VAL A 131 3.18 -15.86 24.55
CA VAL A 131 2.73 -17.14 24.02
C VAL A 131 2.57 -17.08 22.51
N ASP A 132 2.35 -15.89 21.94
CA ASP A 132 2.17 -15.82 20.49
C ASP A 132 3.45 -15.39 19.77
N SER A 133 4.61 -15.39 20.44
CA SER A 133 5.83 -15.03 19.70
C SER A 133 7.13 -15.59 20.29
N PHE A 134 7.04 -16.52 21.25
CA PHE A 134 8.22 -16.92 22.01
C PHE A 134 9.26 -17.61 21.13
N TRP A 135 8.83 -18.24 20.03
CA TRP A 135 9.74 -18.88 19.09
C TRP A 135 10.42 -17.88 18.16
N LEU A 136 10.02 -16.62 18.20
CA LEU A 136 10.64 -15.55 17.43
C LEU A 136 11.48 -14.62 18.29
N ASP A 137 11.07 -14.35 19.52
CA ASP A 137 11.84 -13.46 20.38
C ASP A 137 11.72 -13.78 21.87
N GLY A 138 11.37 -15.01 22.22
CA GLY A 138 11.29 -15.45 23.60
C GLY A 138 12.53 -16.24 23.98
N GLY A 139 12.37 -17.12 24.97
CA GLY A 139 13.47 -17.82 25.59
C GLY A 139 13.78 -19.20 25.05
N ILE A 140 12.98 -19.71 24.11
CA ILE A 140 13.15 -21.07 23.62
C ILE A 140 14.37 -21.11 22.71
N ARG A 141 15.13 -22.19 22.80
CA ARG A 141 16.34 -22.38 22.01
C ARG A 141 16.47 -23.86 21.66
N ILE A 142 17.08 -24.13 20.51
CA ILE A 142 17.33 -25.50 20.09
C ILE A 142 18.58 -25.52 19.22
N SER A 143 19.36 -26.59 19.33
CA SER A 143 20.57 -26.81 18.53
C SER A 143 20.26 -27.65 17.30
N ALA A 144 21.20 -27.65 16.36
CA ALA A 144 21.06 -28.50 15.17
C ALA A 144 20.97 -29.98 15.55
N THR A 145 21.78 -30.44 16.51
CA THR A 145 21.69 -31.84 16.91
C THR A 145 20.37 -32.12 17.60
N GLU A 146 19.86 -31.17 18.38
CA GLU A 146 18.56 -31.36 19.02
C GLU A 146 17.42 -31.41 17.99
N GLN A 147 17.54 -30.66 16.88
CA GLN A 147 16.56 -30.78 15.82
C GLN A 147 16.54 -32.18 15.24
N ILE A 148 17.73 -32.75 14.99
CA ILE A 148 17.82 -34.12 14.44
C ILE A 148 17.09 -35.09 15.37
N SER A 149 17.36 -35.01 16.67
N SER A 149 17.37 -34.99 16.67
CA SER A 149 16.76 -35.93 17.62
CA SER A 149 16.77 -35.89 17.65
C SER A 149 15.24 -35.83 17.60
C SER A 149 15.25 -35.82 17.60
N PHE A 150 14.71 -34.60 17.54
CA PHE A 150 13.27 -34.42 17.49
C PHE A 150 12.70 -34.98 16.18
N LEU A 151 13.36 -34.69 15.07
CA LEU A 151 12.86 -35.14 13.77
C LEU A 151 12.88 -36.65 13.65
N ARG A 152 13.87 -37.32 14.24
CA ARG A 152 13.90 -38.78 14.20
C ARG A 152 12.68 -39.38 14.89
N LYS A 153 12.30 -38.82 16.04
CA LYS A 153 11.09 -39.27 16.74
C LYS A 153 9.87 -39.12 15.85
N LEU A 154 9.75 -37.96 15.21
CA LEU A 154 8.63 -37.72 14.30
C LEU A 154 8.62 -38.72 13.16
N TYR A 155 9.79 -38.94 12.54
CA TYR A 155 9.84 -39.88 11.43
C TYR A 155 9.30 -41.25 11.84
N HIS A 156 9.66 -41.72 13.03
CA HIS A 156 9.27 -43.04 13.52
C HIS A 156 7.95 -43.05 14.29
N ASN A 157 7.19 -41.95 14.26
CA ASN A 157 5.90 -41.84 14.95
C ASN A 157 6.02 -42.08 16.45
N LYS A 158 7.14 -41.69 17.04
CA LYS A 158 7.41 -41.94 18.45
C LYS A 158 7.14 -40.74 19.33
N LEU A 159 6.72 -39.61 18.77
CA LEU A 159 6.33 -38.49 19.61
C LEU A 159 5.04 -38.80 20.35
N HIS A 160 4.84 -38.10 21.46
CA HIS A 160 3.69 -38.34 22.32
C HIS A 160 2.48 -37.54 21.84
N VAL A 161 2.15 -37.74 20.57
CA VAL A 161 0.88 -37.33 19.98
C VAL A 161 0.43 -38.50 19.11
N SER A 162 -0.78 -38.41 18.58
CA SER A 162 -1.31 -39.55 17.84
C SER A 162 -0.51 -39.79 16.56
N GLU A 163 -0.58 -41.03 16.08
CA GLU A 163 -0.02 -41.34 14.77
C GLU A 163 -0.61 -40.43 13.70
N ARG A 164 -1.91 -40.16 13.76
CA ARG A 164 -2.55 -39.30 12.76
C ARG A 164 -1.90 -37.91 12.70
N SER A 165 -1.72 -37.29 13.87
CA SER A 165 -1.13 -35.96 13.91
C SER A 165 0.26 -35.95 13.28
N GLN A 166 1.05 -36.99 13.53
CA GLN A 166 2.40 -37.05 12.99
C GLN A 166 2.37 -37.27 11.48
N ARG A 167 1.46 -38.10 10.98
CA ARG A 167 1.36 -38.29 9.54
C ARG A 167 0.96 -37.00 8.84
N ILE A 168 0.03 -36.24 9.42
CA ILE A 168 -0.40 -35.00 8.79
C ILE A 168 0.74 -33.99 8.74
N VAL A 169 1.49 -33.85 9.83
CA VAL A 169 2.58 -32.87 9.81
C VAL A 169 3.67 -33.28 8.82
N LYS A 170 3.96 -34.58 8.72
CA LYS A 170 4.96 -35.00 7.75
C LYS A 170 4.47 -34.76 6.33
N GLN A 171 3.17 -34.90 6.08
CA GLN A 171 2.63 -34.50 4.79
C GLN A 171 2.87 -33.01 4.54
N ALA A 172 2.58 -32.18 5.52
CA ALA A 172 2.75 -30.74 5.38
C ALA A 172 4.22 -30.32 5.23
N MET A 173 5.17 -31.16 5.66
CA MET A 173 6.59 -30.87 5.50
C MET A 173 7.10 -31.19 4.10
N LEU A 174 6.30 -31.85 3.26
CA LEU A 174 6.77 -32.24 1.94
C LEU A 174 7.28 -31.03 1.17
N THR A 175 8.54 -31.12 0.71
CA THR A 175 9.20 -30.03 0.02
C THR A 175 9.59 -30.38 -1.41
N GLU A 176 10.12 -31.58 -1.65
CA GLU A 176 10.59 -31.96 -2.97
C GLU A 176 10.47 -33.47 -3.13
N ALA A 177 10.12 -33.92 -4.31
CA ALA A 177 10.08 -35.35 -4.59
C ALA A 177 10.32 -35.59 -6.07
N ASN A 178 11.12 -36.60 -6.37
CA ASN A 178 11.36 -37.02 -7.73
C ASN A 178 11.67 -38.51 -7.69
N GLY A 179 12.13 -39.04 -8.83
CA GLY A 179 12.43 -40.45 -8.89
C GLY A 179 13.60 -40.91 -8.04
N ASP A 180 14.37 -39.97 -7.47
CA ASP A 180 15.57 -40.33 -6.73
C ASP A 180 15.45 -40.15 -5.21
N TYR A 181 14.64 -39.21 -4.74
CA TYR A 181 14.55 -38.93 -3.30
C TYR A 181 13.31 -38.11 -3.01
N ILE A 182 12.97 -38.06 -1.72
CA ILE A 182 11.93 -37.22 -1.16
C ILE A 182 12.55 -36.41 -0.02
N ILE A 183 12.29 -35.10 -0.01
CA ILE A 183 12.73 -34.25 1.10
C ILE A 183 11.50 -33.74 1.82
N ARG A 184 11.45 -33.98 3.13
CA ARG A 184 10.49 -33.35 4.03
C ARG A 184 11.26 -32.46 5.00
N ALA A 185 10.89 -31.18 5.08
CA ALA A 185 11.72 -30.21 5.77
C ALA A 185 10.93 -28.95 6.09
N LYS A 186 11.58 -28.06 6.86
CA LYS A 186 11.02 -26.75 7.19
C LYS A 186 12.14 -25.74 7.30
N THR A 187 11.95 -24.57 6.69
CA THR A 187 12.89 -23.47 6.78
C THR A 187 12.63 -22.62 8.02
N GLY A 188 13.65 -21.86 8.40
CA GLY A 188 13.53 -20.88 9.47
C GLY A 188 14.40 -19.68 9.20
N TYR A 189 13.98 -18.53 9.73
CA TYR A 189 14.68 -17.27 9.54
C TYR A 189 14.52 -16.47 10.83
N SER A 190 15.58 -16.37 11.62
CA SER A 190 15.53 -15.72 12.93
C SER A 190 16.24 -14.36 12.85
N THR A 191 15.49 -13.26 13.07
CA THR A 191 16.07 -11.92 12.97
C THR A 191 15.95 -11.09 14.24
N ARG A 192 15.09 -11.45 15.17
CA ARG A 192 14.79 -10.57 16.31
C ARG A 192 15.84 -10.62 17.40
N ILE A 193 16.64 -11.67 17.46
CA ILE A 193 17.68 -11.80 18.48
C ILE A 193 18.98 -12.19 17.79
N GLU A 194 20.07 -11.55 18.19
CA GLU A 194 21.35 -11.86 17.57
C GLU A 194 21.86 -13.22 18.00
N PRO A 195 22.59 -13.92 17.13
CA PRO A 195 22.90 -13.57 15.74
C PRO A 195 21.78 -13.96 14.81
N LYS A 196 21.55 -13.17 13.76
CA LYS A 196 20.57 -13.51 12.74
C LYS A 196 21.02 -14.73 11.96
N ILE A 197 20.13 -15.73 11.83
CA ILE A 197 20.49 -16.98 11.17
C ILE A 197 19.32 -17.46 10.33
N GLY A 198 19.65 -18.36 9.40
CA GLY A 198 18.65 -19.15 8.69
C GLY A 198 18.85 -20.62 9.04
N TRP A 199 17.74 -21.35 9.02
CA TRP A 199 17.65 -22.77 9.31
C TRP A 199 17.11 -23.51 8.10
N TRP A 200 17.52 -24.79 7.96
CA TRP A 200 16.76 -25.77 7.19
C TRP A 200 16.94 -27.11 7.89
N VAL A 201 15.84 -27.74 8.29
CA VAL A 201 15.88 -29.01 9.02
C VAL A 201 14.88 -29.97 8.41
N GLY A 202 15.22 -31.26 8.39
CA GLY A 202 14.34 -32.24 7.80
C GLY A 202 15.05 -33.54 7.54
N TRP A 203 14.62 -34.22 6.47
CA TRP A 203 15.27 -35.45 6.08
C TRP A 203 15.05 -35.74 4.61
N VAL A 204 15.90 -36.63 4.10
CA VAL A 204 15.91 -37.15 2.75
C VAL A 204 15.55 -38.64 2.84
N GLU A 205 14.46 -39.02 2.18
CA GLU A 205 14.06 -40.42 2.08
C GLU A 205 14.63 -41.01 0.79
N LEU A 206 15.37 -42.11 0.92
CA LEU A 206 15.84 -42.92 -0.20
C LEU A 206 15.12 -44.26 -0.16
N ASP A 207 15.38 -45.08 -1.18
CA ASP A 207 14.71 -46.39 -1.25
C ASP A 207 14.99 -47.23 0.01
N ASP A 208 16.24 -47.22 0.51
CA ASP A 208 16.62 -48.15 1.57
C ASP A 208 17.32 -47.46 2.75
N ASN A 209 17.17 -46.14 2.89
CA ASN A 209 17.76 -45.42 4.02
C ASN A 209 17.09 -44.06 4.13
N VAL A 210 17.33 -43.40 5.25
N VAL A 210 17.31 -43.42 5.26
CA VAL A 210 16.90 -42.03 5.45
CA VAL A 210 16.91 -42.04 5.48
C VAL A 210 18.05 -41.26 6.08
C VAL A 210 18.10 -41.28 6.05
N TRP A 211 18.33 -40.08 5.53
CA TRP A 211 19.36 -39.17 6.00
C TRP A 211 18.68 -37.95 6.58
N PHE A 212 18.81 -37.75 7.88
CA PHE A 212 18.32 -36.55 8.56
C PHE A 212 19.34 -35.43 8.45
N PHE A 213 18.85 -34.19 8.40
CA PHE A 213 19.75 -33.05 8.30
C PHE A 213 19.20 -31.88 9.10
N ALA A 214 20.14 -31.07 9.60
CA ALA A 214 19.81 -29.82 10.26
C ALA A 214 20.97 -28.87 10.04
N MET A 215 20.66 -27.70 9.50
CA MET A 215 21.67 -26.70 9.23
C MET A 215 21.21 -25.34 9.71
N ASN A 216 22.16 -24.55 10.18
CA ASN A 216 21.91 -23.12 10.31
C ASN A 216 23.12 -22.35 9.80
N MET A 217 22.89 -21.08 9.45
CA MET A 217 23.94 -20.26 8.87
C MET A 217 23.66 -18.81 9.20
N ASP A 218 24.74 -18.03 9.28
CA ASP A 218 24.60 -16.60 9.46
C ASP A 218 23.78 -16.01 8.31
N MET A 219 22.93 -15.05 8.64
CA MET A 219 21.98 -14.46 7.68
C MET A 219 21.84 -12.96 7.99
N PRO A 220 22.89 -12.18 7.71
CA PRO A 220 22.80 -10.73 8.01
C PRO A 220 21.72 -9.99 7.24
N THR A 221 21.35 -10.44 6.03
CA THR A 221 20.26 -9.86 5.28
C THR A 221 19.44 -10.97 4.66
N SER A 222 18.23 -10.62 4.25
CA SER A 222 17.39 -11.60 3.60
C SER A 222 17.91 -12.00 2.23
N ASP A 223 18.93 -11.32 1.70
CA ASP A 223 19.42 -11.65 0.35
C ASP A 223 19.96 -13.07 0.28
N GLY A 224 20.40 -13.63 1.40
CA GLY A 224 21.02 -14.93 1.39
C GLY A 224 20.14 -16.11 1.73
N LEU A 225 18.81 -15.92 1.80
CA LEU A 225 17.95 -16.98 2.30
C LEU A 225 18.00 -18.23 1.42
N GLY A 226 18.15 -18.05 0.12
CA GLY A 226 18.22 -19.17 -0.81
C GLY A 226 19.43 -20.07 -0.58
N LEU A 227 20.43 -19.59 0.15
CA LEU A 227 21.61 -20.40 0.45
C LEU A 227 21.31 -21.51 1.44
N ARG A 228 20.24 -21.38 2.23
CA ARG A 228 19.92 -22.43 3.19
C ARG A 228 19.74 -23.78 2.49
N GLN A 229 18.87 -23.82 1.47
CA GLN A 229 18.64 -25.08 0.77
C GLN A 229 19.77 -25.40 -0.19
N ALA A 230 20.31 -24.38 -0.85
CA ALA A 230 21.33 -24.62 -1.87
C ALA A 230 22.57 -25.25 -1.25
N ILE A 231 23.04 -24.69 -0.14
CA ILE A 231 24.23 -25.24 0.50
C ILE A 231 23.98 -26.67 0.98
N THR A 232 22.82 -26.90 1.61
CA THR A 232 22.51 -28.24 2.10
C THR A 232 22.51 -29.26 0.97
N LYS A 233 21.89 -28.93 -0.15
CA LYS A 233 21.81 -29.90 -1.23
C LYS A 233 23.18 -30.13 -1.85
N GLU A 234 24.04 -29.12 -1.83
CA GLU A 234 25.40 -29.30 -2.34
C GLU A 234 26.19 -30.21 -1.41
N VAL A 235 25.97 -30.10 -0.10
CA VAL A 235 26.60 -31.05 0.82
C VAL A 235 26.06 -32.45 0.56
N LEU A 236 24.75 -32.59 0.41
CA LEU A 236 24.17 -33.90 0.16
C LEU A 236 24.73 -34.49 -1.13
N LYS A 237 24.89 -33.66 -2.16
CA LYS A 237 25.41 -34.16 -3.43
C LYS A 237 26.88 -34.58 -3.29
N GLN A 238 27.67 -33.80 -2.55
CA GLN A 238 29.08 -34.15 -2.31
C GLN A 238 29.21 -35.48 -1.61
N GLU A 239 28.34 -35.75 -0.65
CA GLU A 239 28.39 -36.99 0.10
C GLU A 239 27.65 -38.14 -0.58
N LYS A 240 27.24 -37.99 -1.85
CA LYS A 240 26.61 -39.07 -2.62
C LYS A 240 25.30 -39.53 -1.99
N ILE A 241 24.63 -38.64 -1.25
CA ILE A 241 23.30 -38.96 -0.72
C ILE A 241 22.24 -38.70 -1.78
N ILE A 242 22.42 -37.67 -2.58
CA ILE A 242 21.56 -37.41 -3.74
C ILE A 242 22.44 -37.23 -4.96
N PRO A 243 21.89 -37.44 -6.17
CA PRO A 243 22.68 -37.24 -7.39
C PRO A 243 23.00 -35.76 -7.66
N GLU B 2 -10.01 27.60 12.27
CA GLU B 2 -9.23 26.89 13.27
C GLU B 2 -8.21 25.96 12.64
N TRP B 3 -8.60 25.27 11.58
CA TRP B 3 -7.72 24.35 10.88
C TRP B 3 -7.63 24.78 9.43
N GLN B 4 -6.42 24.89 8.92
CA GLN B 4 -6.18 25.27 7.55
C GLN B 4 -5.31 24.22 6.89
N GLU B 5 -5.68 23.85 5.68
CA GLU B 5 -4.96 22.87 4.89
C GLU B 5 -4.14 23.61 3.86
N ASN B 6 -2.84 23.38 3.86
CA ASN B 6 -1.91 24.04 2.96
C ASN B 6 -1.25 22.94 2.14
N LYS B 7 -1.87 22.60 1.00
CA LYS B 7 -1.34 21.52 0.17
C LYS B 7 -0.01 21.86 -0.46
N SER B 8 0.43 23.12 -0.40
CA SER B 8 1.72 23.47 -0.96
C SER B 8 2.85 22.77 -0.21
N TRP B 9 2.63 22.44 1.08
CA TRP B 9 3.61 21.69 1.85
C TRP B 9 3.82 20.27 1.34
N ASN B 10 2.91 19.75 0.52
CA ASN B 10 3.12 18.41 -0.03
C ASN B 10 4.42 18.33 -0.81
N ALA B 11 4.88 19.45 -1.34
CA ALA B 11 6.14 19.46 -2.07
C ALA B 11 7.28 19.01 -1.18
N HIS B 12 7.21 19.29 0.12
CA HIS B 12 8.28 18.86 1.03
C HIS B 12 8.39 17.34 1.07
N PHE B 13 7.28 16.65 0.90
CA PHE B 13 7.35 15.19 0.86
C PHE B 13 7.69 14.68 -0.53
N THR B 14 7.01 15.22 -1.56
CA THR B 14 7.20 14.69 -2.90
C THR B 14 8.62 14.93 -3.40
N GLU B 15 9.22 16.06 -3.02
CA GLU B 15 10.60 16.34 -3.40
C GLU B 15 11.58 15.33 -2.84
N HIS B 16 11.19 14.59 -1.80
CA HIS B 16 11.97 13.48 -1.26
C HIS B 16 11.36 12.13 -1.63
N LYS B 17 10.53 12.09 -2.66
CA LYS B 17 9.93 10.86 -3.17
C LYS B 17 9.25 10.05 -2.05
N SER B 18 8.54 10.75 -1.17
N SER B 18 8.54 10.74 -1.16
CA SER B 18 7.83 10.10 -0.08
CA SER B 18 7.81 10.07 -0.09
C SER B 18 6.44 10.72 0.06
C SER B 18 6.45 10.72 0.07
N GLN B 19 5.72 10.27 1.09
CA GLN B 19 4.38 10.73 1.37
C GLN B 19 4.25 10.86 2.87
N GLY B 20 3.54 11.88 3.32
CA GLY B 20 3.36 12.04 4.76
C GLY B 20 2.49 13.23 5.07
N VAL B 21 2.44 13.53 6.37
CA VAL B 21 1.66 14.64 6.90
C VAL B 21 2.49 15.36 7.95
N VAL B 22 2.42 16.69 7.91
CA VAL B 22 2.89 17.54 8.99
C VAL B 22 1.70 18.32 9.52
N VAL B 23 1.56 18.35 10.84
CA VAL B 23 0.55 19.11 11.55
C VAL B 23 1.27 20.08 12.47
N LEU B 24 0.91 21.37 12.37
CA LEU B 24 1.45 22.41 13.22
C LEU B 24 0.32 23.05 14.02
N TRP B 25 0.63 23.47 15.25
CA TRP B 25 -0.32 24.18 16.11
C TRP B 25 0.35 25.42 16.71
N ASN B 26 -0.23 26.60 16.42
CA ASN B 26 0.23 27.87 16.99
C ASN B 26 -0.48 28.08 18.33
N GLU B 27 0.25 27.96 19.44
CA GLU B 27 -0.42 27.99 20.74
C GLU B 27 -1.02 29.36 21.04
N ASN B 28 -0.30 30.45 20.73
CA ASN B 28 -0.84 31.78 21.02
C ASN B 28 -2.15 32.01 20.28
N LYS B 29 -2.18 31.66 19.01
CA LYS B 29 -3.33 31.93 18.16
C LYS B 29 -4.37 30.81 18.14
N GLN B 30 -4.07 29.65 18.72
CA GLN B 30 -5.00 28.53 18.74
C GLN B 30 -5.48 28.19 17.33
N GLN B 31 -4.52 28.05 16.42
CA GLN B 31 -4.78 27.74 15.02
C GLN B 31 -3.88 26.60 14.60
N GLY B 32 -4.43 25.71 13.78
CA GLY B 32 -3.73 24.54 13.26
C GLY B 32 -3.53 24.59 11.76
N PHE B 33 -2.51 23.87 11.29
CA PHE B 33 -2.12 23.86 9.88
C PHE B 33 -1.61 22.46 9.53
N THR B 34 -1.97 21.99 8.34
CA THR B 34 -1.50 20.68 7.88
C THR B 34 -1.54 20.66 6.37
N ASN B 35 -0.77 19.76 5.78
CA ASN B 35 -0.84 19.56 4.34
C ASN B 35 -1.91 18.57 3.92
N ASN B 36 -2.47 17.80 4.85
CA ASN B 36 -3.37 16.71 4.48
C ASN B 36 -4.29 16.43 5.67
N LEU B 37 -5.48 17.02 5.63
CA LEU B 37 -6.41 16.86 6.74
C LEU B 37 -6.77 15.40 6.94
N LYS B 38 -6.93 14.63 5.86
CA LYS B 38 -7.30 13.23 6.01
C LYS B 38 -6.21 12.46 6.76
N ARG B 39 -4.97 12.53 6.29
CA ARG B 39 -3.89 11.77 6.93
C ARG B 39 -3.60 12.30 8.32
N ALA B 40 -3.84 13.59 8.56
CA ALA B 40 -3.66 14.13 9.89
C ALA B 40 -4.50 13.41 10.91
N ASN B 41 -5.62 12.82 10.48
CA ASN B 41 -6.55 12.17 11.38
C ASN B 41 -6.60 10.66 11.21
N GLN B 42 -5.68 10.10 10.43
CA GLN B 42 -5.53 8.67 10.32
C GLN B 42 -4.64 8.16 11.44
N ALA B 43 -5.03 7.03 12.01
CA ALA B 43 -4.37 6.51 13.20
C ALA B 43 -3.32 5.47 12.84
N PHE B 44 -2.12 5.62 13.42
CA PHE B 44 -1.02 4.71 13.20
C PHE B 44 -0.50 4.19 14.53
N LEU B 45 0.27 3.10 14.47
CA LEU B 45 1.02 2.68 15.65
C LEU B 45 1.90 3.83 16.12
N PRO B 46 1.96 4.09 17.42
CA PRO B 46 2.84 5.16 17.91
C PRO B 46 4.31 4.80 17.88
N ALA B 47 4.64 3.49 17.93
CA ALA B 47 6.02 2.99 18.02
C ALA B 47 6.71 3.75 19.14
N SER B 48 7.93 4.23 18.93
CA SER B 48 8.71 4.83 20.03
C SER B 48 8.20 6.21 20.46
N THR B 49 7.23 6.83 19.78
CA THR B 49 6.63 8.02 20.40
C THR B 49 5.86 7.65 21.66
N PHE B 50 5.53 6.36 21.84
CA PHE B 50 4.89 5.88 23.05
C PHE B 50 5.81 5.98 24.25
N KCX B 51 7.11 6.18 24.05
CA KCX B 51 8.01 6.34 25.20
CB KCX B 51 9.47 6.35 24.75
CG KCX B 51 9.95 4.95 24.28
CD KCX B 51 11.39 4.90 23.94
CE KCX B 51 11.85 3.49 23.57
NZ KCX B 51 11.18 3.00 22.32
C KCX B 51 7.63 7.60 26.03
O KCX B 51 7.94 7.68 27.21
CX KCX B 51 10.17 2.13 22.32
OQ1 KCX B 51 9.77 1.65 23.39
OQ2 KCX B 51 9.64 1.79 21.23
H KCX B 51 7.49 6.24 23.28
HA KCX B 51 7.89 5.56 25.79
HB2 KCX B 51 9.56 6.96 24.00
HG2 KCX B 51 9.44 4.70 23.50
HD2 KCX B 51 11.56 5.47 23.18
HE2 KCX B 51 12.81 3.49 23.41
N ILE B 52 6.90 8.54 25.45
CA ILE B 52 6.46 9.70 26.24
C ILE B 52 5.45 9.27 27.30
N PRO B 53 4.29 8.72 26.92
CA PRO B 53 3.36 8.27 27.96
C PRO B 53 3.95 7.17 28.84
N ASN B 54 4.75 6.28 28.27
CA ASN B 54 5.31 5.18 29.07
C ASN B 54 6.20 5.73 30.19
N SER B 55 7.05 6.72 29.87
CA SER B 55 7.87 7.37 30.87
C SER B 55 7.02 8.04 31.94
N LEU B 56 5.96 8.74 31.52
CA LEU B 56 5.10 9.43 32.49
C LEU B 56 4.50 8.45 33.48
N ILE B 57 3.97 7.33 32.98
CA ILE B 57 3.33 6.34 33.84
C ILE B 57 4.37 5.70 34.76
N ALA B 58 5.53 5.32 34.21
CA ALA B 58 6.57 4.70 35.02
C ALA B 58 7.01 5.60 36.15
N LEU B 59 7.20 6.89 35.88
CA LEU B 59 7.58 7.82 36.95
C LEU B 59 6.48 7.96 37.99
N ASP B 60 5.23 8.13 37.55
CA ASP B 60 4.19 8.47 38.52
C ASP B 60 3.86 7.30 39.44
N LEU B 61 4.07 6.08 38.98
CA LEU B 61 3.86 4.89 39.78
C LEU B 61 5.08 4.46 40.58
N GLY B 62 6.22 5.13 40.40
CA GLY B 62 7.42 4.74 41.11
C GLY B 62 8.20 3.61 40.49
N VAL B 63 7.79 3.10 39.32
CA VAL B 63 8.61 2.13 38.60
C VAL B 63 9.98 2.72 38.30
N VAL B 64 10.02 4.00 37.94
CA VAL B 64 11.24 4.77 37.74
C VAL B 64 11.31 5.82 38.84
N LYS B 65 12.41 5.84 39.57
CA LYS B 65 12.54 6.75 40.70
C LYS B 65 12.81 8.18 40.23
N ASP B 66 13.73 8.34 39.29
CA ASP B 66 14.11 9.65 38.77
C ASP B 66 14.92 9.44 37.51
N GLU B 67 15.41 10.55 36.95
CA GLU B 67 16.09 10.51 35.66
C GLU B 67 17.54 10.03 35.77
N HIS B 68 18.01 9.73 36.98
CA HIS B 68 19.36 9.23 37.20
C HIS B 68 19.42 7.72 37.42
N GLN B 69 18.29 7.10 37.74
CA GLN B 69 18.26 5.67 38.03
C GLN B 69 18.80 4.90 36.84
N VAL B 70 19.71 3.97 37.11
CA VAL B 70 20.39 3.22 36.06
C VAL B 70 19.64 1.92 35.81
N PHE B 71 19.28 1.70 34.55
CA PHE B 71 18.68 0.46 34.10
C PHE B 71 19.78 -0.35 33.45
N LYS B 72 20.22 -1.39 34.14
CA LYS B 72 21.39 -2.17 33.74
C LYS B 72 21.07 -2.98 32.47
N TRP B 73 22.03 -3.01 31.55
CA TRP B 73 21.91 -3.89 30.39
C TRP B 73 21.74 -5.34 30.82
N ASP B 74 20.80 -6.03 30.20
CA ASP B 74 20.57 -7.43 30.53
C ASP B 74 21.60 -8.36 29.93
N GLY B 75 22.61 -7.84 29.24
CA GLY B 75 23.68 -8.67 28.76
C GLY B 75 23.38 -9.43 27.50
N GLN B 76 22.21 -9.23 26.90
CA GLN B 76 21.86 -9.84 25.62
C GLN B 76 22.29 -8.91 24.50
N THR B 77 23.18 -9.39 23.64
CA THR B 77 23.65 -8.57 22.54
C THR B 77 22.54 -8.37 21.51
N ARG B 78 22.19 -7.11 21.25
CA ARG B 78 21.21 -6.73 20.24
C ARG B 78 21.91 -5.98 19.09
N ASP B 79 21.20 -5.84 17.95
CA ASP B 79 21.81 -5.31 16.74
C ASP B 79 21.92 -3.79 16.74
N ILE B 80 21.40 -3.10 17.76
CA ILE B 80 21.59 -1.67 17.91
C ILE B 80 22.65 -1.46 18.98
N ALA B 81 23.84 -1.02 18.57
CA ALA B 81 24.98 -1.01 19.48
C ALA B 81 24.70 -0.19 20.74
N THR B 82 24.03 0.97 20.60
CA THR B 82 23.78 1.82 21.76
C THR B 82 22.84 1.20 22.78
N TRP B 83 22.13 0.12 22.43
CA TRP B 83 21.28 -0.58 23.38
C TRP B 83 22.05 -1.53 24.27
N ASN B 84 23.28 -1.87 23.91
CA ASN B 84 24.07 -2.85 24.67
C ASN B 84 24.92 -2.14 25.73
N ARG B 85 24.22 -1.42 26.60
CA ARG B 85 24.88 -0.68 27.65
C ARG B 85 23.83 -0.26 28.67
N ASP B 86 24.30 0.21 29.82
CA ASP B 86 23.41 0.75 30.84
C ASP B 86 22.82 2.08 30.39
N HIS B 87 21.62 2.38 30.88
CA HIS B 87 20.90 3.59 30.51
C HIS B 87 20.21 4.19 31.74
N ASN B 88 19.94 5.48 31.66
CA ASN B 88 18.98 6.12 32.53
C ASN B 88 17.84 6.62 31.64
N LEU B 89 16.88 7.31 32.25
CA LEU B 89 15.71 7.76 31.49
C LEU B 89 16.12 8.71 30.36
N ILE B 90 17.11 9.56 30.61
CA ILE B 90 17.54 10.52 29.58
C ILE B 90 18.13 9.78 28.39
N THR B 91 19.11 8.89 28.63
CA THR B 91 19.76 8.22 27.51
C THR B 91 18.84 7.18 26.87
N ALA B 92 17.95 6.55 27.66
CA ALA B 92 17.01 5.59 27.09
C ALA B 92 16.07 6.25 26.09
N MET B 93 15.67 7.50 26.34
N MET B 93 15.65 7.49 26.37
CA MET B 93 14.84 8.18 25.36
CA MET B 93 14.85 8.25 25.42
C MET B 93 15.66 8.69 24.19
C MET B 93 15.68 8.64 24.21
N LYS B 94 16.88 9.20 24.46
CA LYS B 94 17.74 9.67 23.37
C LYS B 94 18.00 8.57 22.35
N TYR B 95 18.26 7.35 22.81
CA TYR B 95 18.60 6.26 21.91
C TYR B 95 17.44 5.31 21.67
N SER B 96 16.25 5.67 22.13
CA SER B 96 15.02 4.94 21.84
C SER B 96 15.16 3.47 22.24
N VAL B 97 15.53 3.23 23.49
CA VAL B 97 15.95 1.89 23.91
C VAL B 97 14.75 1.02 24.27
N VAL B 98 14.23 0.33 23.26
CA VAL B 98 13.01 -0.47 23.44
C VAL B 98 13.12 -1.42 24.62
N PRO B 99 14.17 -2.22 24.77
CA PRO B 99 14.15 -3.23 25.83
C PRO B 99 14.04 -2.64 27.22
N VAL B 100 14.54 -1.42 27.46
CA VAL B 100 14.32 -0.78 28.75
C VAL B 100 12.85 -0.47 28.97
N TYR B 101 12.19 0.08 27.94
CA TYR B 101 10.78 0.44 28.05
C TYR B 101 9.88 -0.78 28.06
N GLN B 102 10.33 -1.89 27.49
CA GLN B 102 9.57 -3.13 27.62
C GLN B 102 9.52 -3.60 29.06
N GLU B 103 10.61 -3.47 29.79
CA GLU B 103 10.61 -3.81 31.21
C GLU B 103 9.77 -2.83 32.02
N PHE B 104 9.82 -1.52 31.70
CA PHE B 104 8.88 -0.59 32.35
C PHE B 104 7.46 -1.11 32.22
N ALA B 105 7.07 -1.50 31.00
CA ALA B 105 5.69 -1.89 30.75
C ALA B 105 5.30 -3.11 31.57
N ARG B 106 6.20 -4.09 31.67
CA ARG B 106 5.96 -5.28 32.48
C ARG B 106 5.71 -4.93 33.93
N GLN B 107 6.48 -3.99 34.46
CA GLN B 107 6.31 -3.60 35.85
C GLN B 107 5.06 -2.75 36.06
N ILE B 108 4.71 -1.91 35.08
CA ILE B 108 3.44 -1.18 35.15
C ILE B 108 2.28 -2.17 35.15
N GLY B 109 2.26 -3.09 34.18
CA GLY B 109 1.21 -4.08 34.11
C GLY B 109 0.02 -3.61 33.29
N GLU B 110 -0.76 -4.59 32.81
CA GLU B 110 -1.85 -4.29 31.89
C GLU B 110 -2.89 -3.36 32.50
N ALA B 111 -3.34 -3.67 33.72
CA ALA B 111 -4.44 -2.93 34.31
C ALA B 111 -4.11 -1.45 34.49
N ARG B 112 -2.94 -1.16 35.08
CA ARG B 112 -2.56 0.24 35.31
C ARG B 112 -2.20 0.94 34.00
N MET B 113 -1.56 0.24 33.07
CA MET B 113 -1.27 0.86 31.79
C MET B 113 -2.57 1.25 31.07
N SER B 114 -3.53 0.33 31.01
CA SER B 114 -4.78 0.62 30.33
C SER B 114 -5.49 1.81 30.97
N LYS B 115 -5.56 1.81 32.31
CA LYS B 115 -6.22 2.91 32.99
C LYS B 115 -5.56 4.25 32.66
N MET B 116 -4.23 4.29 32.66
N MET B 116 -4.23 4.30 32.62
CA MET B 116 -3.53 5.56 32.43
CA MET B 116 -3.58 5.59 32.43
C MET B 116 -3.76 6.07 31.02
C MET B 116 -3.72 6.09 31.01
N LEU B 117 -3.77 5.19 30.02
CA LEU B 117 -4.04 5.65 28.66
C LEU B 117 -5.46 6.19 28.54
N HIS B 118 -6.42 5.58 29.24
CA HIS B 118 -7.75 6.17 29.30
C HIS B 118 -7.71 7.54 29.98
N ALA B 119 -6.97 7.66 31.08
CA ALA B 119 -6.88 8.95 31.77
C ALA B 119 -6.20 10.03 30.94
N PHE B 120 -5.21 9.66 30.13
CA PHE B 120 -4.51 10.57 29.22
C PHE B 120 -5.33 10.88 27.95
N ASP B 121 -6.42 10.17 27.69
CA ASP B 121 -7.15 10.34 26.44
C ASP B 121 -6.24 10.06 25.24
N TYR B 122 -5.35 9.07 25.38
CA TYR B 122 -4.26 8.84 24.43
C TYR B 122 -4.72 7.96 23.28
N GLY B 123 -4.82 8.55 22.09
CA GLY B 123 -5.15 7.75 20.91
C GLY B 123 -6.45 6.98 21.08
N ASN B 124 -6.45 5.74 20.60
CA ASN B 124 -7.63 4.90 20.75
C ASN B 124 -7.66 4.20 22.11
N GLU B 125 -6.69 4.49 23.00
CA GLU B 125 -6.70 4.05 24.40
C GLU B 125 -6.74 2.51 24.53
N ASP B 126 -6.23 1.80 23.53
CA ASP B 126 -6.40 0.34 23.41
C ASP B 126 -5.04 -0.33 23.51
N ILE B 127 -4.81 -1.09 24.56
CA ILE B 127 -3.52 -1.76 24.76
C ILE B 127 -3.58 -3.23 24.33
N SER B 128 -4.58 -3.61 23.54
CA SER B 128 -4.68 -4.98 23.07
C SER B 128 -3.35 -5.43 22.49
N GLY B 129 -2.97 -6.67 22.80
CA GLY B 129 -1.69 -7.20 22.43
C GLY B 129 -0.85 -7.61 23.64
N ASN B 130 0.44 -7.82 23.45
CA ASN B 130 1.31 -8.16 24.56
C ASN B 130 1.69 -6.90 25.32
N VAL B 131 1.68 -6.99 26.65
CA VAL B 131 1.95 -5.77 27.41
C VAL B 131 3.35 -5.22 27.14
N ASP B 132 4.30 -6.05 26.68
CA ASP B 132 5.64 -5.55 26.43
C ASP B 132 5.90 -5.21 24.97
N SER B 133 4.85 -5.11 24.14
CA SER B 133 5.08 -4.74 22.75
C SER B 133 3.87 -4.14 22.05
N PHE B 134 2.80 -3.80 22.78
CA PHE B 134 1.56 -3.41 22.10
C PHE B 134 1.73 -2.13 21.29
N TRP B 135 2.64 -1.25 21.71
CA TRP B 135 2.91 -0.03 20.97
C TRP B 135 3.73 -0.27 19.71
N LEU B 136 4.21 -1.49 19.51
CA LEU B 136 4.92 -1.87 18.29
C LEU B 136 4.10 -2.78 17.38
N ASP B 137 3.29 -3.68 17.94
CA ASP B 137 2.53 -4.57 17.09
C ASP B 137 1.17 -4.96 17.67
N GLY B 138 0.65 -4.16 18.59
CA GLY B 138 -0.66 -4.40 19.17
C GLY B 138 -1.72 -3.53 18.53
N GLY B 139 -2.79 -3.28 19.27
CA GLY B 139 -3.96 -2.62 18.74
C GLY B 139 -4.00 -1.12 18.96
N ILE B 140 -3.03 -0.57 19.67
CA ILE B 140 -3.04 0.86 19.98
C ILE B 140 -2.70 1.66 18.72
N ARG B 141 -3.41 2.78 18.56
CA ARG B 141 -3.26 3.68 17.42
C ARG B 141 -3.43 5.13 17.87
N ILE B 142 -2.76 6.03 17.17
CA ILE B 142 -2.88 7.46 17.44
C ILE B 142 -2.66 8.23 16.15
N SER B 143 -3.41 9.32 15.97
CA SER B 143 -3.25 10.21 14.82
C SER B 143 -2.30 11.37 15.16
N ALA B 144 -1.84 12.05 14.12
CA ALA B 144 -0.98 13.23 14.31
C ALA B 144 -1.69 14.33 15.08
N THR B 145 -2.98 14.57 14.77
CA THR B 145 -3.72 15.57 15.55
C THR B 145 -3.90 15.13 16.99
N GLU B 146 -4.07 13.83 17.23
CA GLU B 146 -4.14 13.34 18.61
C GLU B 146 -2.81 13.46 19.36
N GLN B 147 -1.67 13.31 18.68
CA GLN B 147 -0.39 13.56 19.32
C GLN B 147 -0.29 15.00 19.79
N ILE B 148 -0.77 15.93 18.96
CA ILE B 148 -0.74 17.34 19.33
C ILE B 148 -1.58 17.57 20.60
N SER B 149 -2.79 17.04 20.62
N SER B 149 -2.80 17.04 20.62
CA SER B 149 -3.66 17.23 21.79
CA SER B 149 -3.67 17.21 21.78
C SER B 149 -2.99 16.72 23.06
C SER B 149 -3.01 16.72 23.06
N PHE B 150 -2.34 15.56 22.99
CA PHE B 150 -1.69 14.99 24.15
C PHE B 150 -0.48 15.83 24.56
N LEU B 151 0.31 16.24 23.58
CA LEU B 151 1.49 17.05 23.89
C LEU B 151 1.11 18.39 24.50
N ARG B 152 0.03 19.01 24.04
CA ARG B 152 -0.36 20.29 24.62
C ARG B 152 -0.68 20.14 26.10
N LYS B 153 -1.34 19.04 26.46
CA LYS B 153 -1.60 18.76 27.88
C LYS B 153 -0.30 18.62 28.65
N LEU B 154 0.66 17.86 28.10
CA LEU B 154 1.94 17.68 28.77
C LEU B 154 2.65 19.01 28.96
N TYR B 155 2.68 19.84 27.92
CA TYR B 155 3.33 21.14 28.03
C TYR B 155 2.74 21.94 29.17
N HIS B 156 1.41 21.91 29.33
CA HIS B 156 0.74 22.71 30.35
C HIS B 156 0.63 22.00 31.70
N ASN B 157 1.28 20.85 31.87
CA ASN B 157 1.21 20.08 33.11
C ASN B 157 -0.22 19.67 33.46
N LYS B 158 -1.04 19.42 32.45
CA LYS B 158 -2.46 19.12 32.64
C LYS B 158 -2.79 17.63 32.56
N LEU B 159 -1.81 16.78 32.29
CA LEU B 159 -2.09 15.35 32.33
C LEU B 159 -2.31 14.90 33.78
N HIS B 160 -3.02 13.78 33.93
CA HIS B 160 -3.38 13.29 35.27
C HIS B 160 -2.26 12.43 35.87
N VAL B 161 -1.06 13.05 35.93
CA VAL B 161 0.06 12.58 36.75
C VAL B 161 0.64 13.80 37.45
N SER B 162 1.62 13.60 38.33
CA SER B 162 2.12 14.72 39.09
C SER B 162 2.85 15.72 38.16
N GLU B 163 2.95 16.96 38.64
CA GLU B 163 3.77 17.96 37.93
C GLU B 163 5.21 17.50 37.77
N ARG B 164 5.78 16.87 38.82
CA ARG B 164 7.15 16.38 38.75
C ARG B 164 7.35 15.37 37.62
N SER B 165 6.45 14.39 37.48
CA SER B 165 6.59 13.41 36.41
C SER B 165 6.58 14.10 35.04
N GLN B 166 5.72 15.10 34.87
CA GLN B 166 5.66 15.79 33.58
C GLN B 166 6.91 16.62 33.33
N ARG B 167 7.44 17.28 34.37
CA ARG B 167 8.68 18.03 34.20
C ARG B 167 9.84 17.11 33.83
N ILE B 168 9.93 15.95 34.48
CA ILE B 168 11.04 15.05 34.20
C ILE B 168 11.00 14.56 32.75
N VAL B 169 9.80 14.19 32.27
CA VAL B 169 9.69 13.71 30.90
C VAL B 169 10.00 14.81 29.90
N LYS B 170 9.56 16.04 30.17
CA LYS B 170 9.88 17.12 29.25
C LYS B 170 11.37 17.39 29.22
N GLN B 171 12.05 17.20 30.36
CA GLN B 171 13.50 17.24 30.36
C GLN B 171 14.07 16.15 29.47
N ALA B 172 13.55 14.93 29.60
CA ALA B 172 14.07 13.82 28.80
C ALA B 172 13.76 13.99 27.31
N MET B 173 12.75 14.78 26.96
CA MET B 173 12.43 15.03 25.57
C MET B 173 13.37 16.04 24.93
N LEU B 174 14.24 16.69 25.71
CA LEU B 174 15.10 17.72 25.14
C LEU B 174 15.92 17.17 23.97
N THR B 175 15.78 17.80 22.80
CA THR B 175 16.44 17.37 21.58
C THR B 175 17.43 18.38 21.04
N GLU B 176 17.10 19.66 21.06
CA GLU B 176 17.96 20.68 20.49
C GLU B 176 17.69 21.99 21.19
N ALA B 177 18.74 22.75 21.43
CA ALA B 177 18.56 24.07 22.02
C ALA B 177 19.69 24.97 21.53
N ASN B 178 19.34 26.19 21.17
CA ASN B 178 20.33 27.19 20.80
C ASN B 178 19.75 28.57 21.15
N GLY B 179 20.42 29.62 20.70
CA GLY B 179 19.96 30.96 21.01
C GLY B 179 18.66 31.35 20.37
N ASP B 180 18.13 30.55 19.43
CA ASP B 180 16.93 30.90 18.70
C ASP B 180 15.70 30.08 19.08
N TYR B 181 15.87 28.82 19.50
CA TYR B 181 14.72 27.98 19.82
C TYR B 181 15.19 26.79 20.63
N ILE B 182 14.20 26.12 21.23
CA ILE B 182 14.36 24.86 21.92
C ILE B 182 13.37 23.87 21.32
N ILE B 183 13.82 22.67 21.02
CA ILE B 183 12.93 21.61 20.56
C ILE B 183 12.92 20.49 21.59
N ARG B 184 11.72 20.14 22.05
CA ARG B 184 11.46 18.95 22.84
C ARG B 184 10.58 18.01 22.02
N ALA B 185 11.02 16.77 21.84
CA ALA B 185 10.39 15.90 20.84
C ALA B 185 10.81 14.46 21.06
N LYS B 186 10.14 13.57 20.32
CA LYS B 186 10.46 12.15 20.31
C LYS B 186 10.20 11.61 18.91
N THR B 187 11.16 10.85 18.41
CA THR B 187 11.04 10.17 17.13
C THR B 187 10.34 8.83 17.32
N GLY B 188 9.80 8.33 16.22
CA GLY B 188 9.21 7.01 16.19
C GLY B 188 9.50 6.35 14.86
N TYR B 189 9.55 5.01 14.89
CA TYR B 189 9.82 4.20 13.71
C TYR B 189 9.00 2.91 13.82
N SER B 190 7.94 2.78 13.01
CA SER B 190 7.02 1.65 13.05
C SER B 190 7.23 0.75 11.84
N THR B 191 7.63 -0.51 12.08
CA THR B 191 7.89 -1.46 11.00
C THR B 191 7.07 -2.75 11.09
N ARG B 192 6.47 -3.07 12.24
CA ARG B 192 5.87 -4.39 12.39
C ARG B 192 4.51 -4.51 11.73
N ILE B 193 3.83 -3.40 11.49
CA ILE B 193 2.51 -3.41 10.88
C ILE B 193 2.52 -2.41 9.73
N GLU B 194 1.96 -2.81 8.59
CA GLU B 194 1.90 -1.91 7.44
C GLU B 194 0.85 -0.83 7.66
N PRO B 195 1.08 0.38 7.14
CA PRO B 195 2.29 0.80 6.41
C PRO B 195 3.42 1.17 7.38
N LYS B 196 4.66 0.87 6.98
CA LYS B 196 5.81 1.28 7.76
C LYS B 196 5.95 2.80 7.70
N ILE B 197 6.12 3.43 8.86
CA ILE B 197 6.17 4.88 8.96
C ILE B 197 7.25 5.31 9.94
N GLY B 198 7.65 6.57 9.80
CA GLY B 198 8.43 7.25 10.82
C GLY B 198 7.60 8.39 11.38
N TRP B 199 7.85 8.70 12.65
CA TRP B 199 7.20 9.79 13.37
C TRP B 199 8.23 10.81 13.84
N TRP B 200 7.81 12.08 13.95
CA TRP B 200 8.47 13.02 14.84
C TRP B 200 7.41 13.93 15.43
N VAL B 201 7.31 13.96 16.76
CA VAL B 201 6.31 14.75 17.47
C VAL B 201 6.97 15.52 18.60
N GLY B 202 6.48 16.72 18.87
CA GLY B 202 7.04 17.54 19.93
C GLY B 202 6.60 18.96 19.78
N TRP B 203 7.47 19.87 20.20
CA TRP B 203 7.17 21.28 20.06
C TRP B 203 8.45 22.10 20.00
N VAL B 204 8.33 23.32 19.50
N VAL B 204 8.30 23.33 19.54
CA VAL B 204 9.45 24.25 19.44
CA VAL B 204 9.37 24.30 19.39
C VAL B 204 9.10 25.45 20.31
C VAL B 204 9.06 25.46 20.34
N GLU B 205 9.96 25.73 21.28
CA GLU B 205 9.79 26.84 22.20
C GLU B 205 10.50 28.06 21.65
N LEU B 206 9.77 29.16 21.51
CA LEU B 206 10.29 30.47 21.15
C LEU B 206 10.18 31.41 22.35
N ASP B 207 10.74 32.61 22.21
CA ASP B 207 10.66 33.58 23.31
C ASP B 207 9.21 33.88 23.69
N ASP B 208 8.32 33.98 22.71
CA ASP B 208 6.96 34.51 22.94
C ASP B 208 5.85 33.59 22.43
N ASN B 209 6.15 32.34 22.07
CA ASN B 209 5.14 31.42 21.55
C ASN B 209 5.72 30.01 21.59
N VAL B 210 4.83 29.04 21.42
N VAL B 210 4.83 29.04 21.43
CA VAL B 210 5.23 27.64 21.26
CA VAL B 210 5.19 27.64 21.26
C VAL B 210 4.46 27.08 20.08
C VAL B 210 4.45 27.13 20.04
N TRP B 211 5.16 26.37 19.20
CA TRP B 211 4.58 25.68 18.06
C TRP B 211 4.69 24.19 18.28
N PHE B 212 3.54 23.53 18.42
CA PHE B 212 3.50 22.08 18.51
C PHE B 212 3.50 21.48 17.11
N PHE B 213 4.14 20.31 16.97
CA PHE B 213 4.21 19.66 15.67
C PHE B 213 4.07 18.16 15.84
N ALA B 214 3.49 17.54 14.81
CA ALA B 214 3.43 16.08 14.73
C ALA B 214 3.42 15.71 13.26
N MET B 215 4.35 14.84 12.87
CA MET B 215 4.47 14.41 11.49
C MET B 215 4.65 12.91 11.44
N ASN B 216 4.11 12.29 10.40
CA ASN B 216 4.51 10.94 10.08
C ASN B 216 4.69 10.84 8.58
N MET B 217 5.46 9.84 8.17
CA MET B 217 5.78 9.68 6.76
C MET B 217 6.04 8.22 6.46
N ASP B 218 5.78 7.83 5.22
CA ASP B 218 6.09 6.48 4.78
C ASP B 218 7.57 6.22 4.93
N MET B 219 7.93 5.02 5.36
CA MET B 219 9.31 4.64 5.67
C MET B 219 9.54 3.21 5.22
N PRO B 220 9.58 2.98 3.91
CA PRO B 220 9.80 1.61 3.41
C PRO B 220 11.13 1.02 3.85
N THR B 221 12.16 1.82 4.05
CA THR B 221 13.43 1.35 4.57
C THR B 221 13.97 2.35 5.58
N SER B 222 14.94 1.88 6.37
CA SER B 222 15.56 2.77 7.33
C SER B 222 16.41 3.86 6.70
N ASP B 223 16.66 3.79 5.38
CA ASP B 223 17.53 4.78 4.75
C ASP B 223 16.96 6.19 4.86
N GLY B 224 15.65 6.33 5.01
CA GLY B 224 15.01 7.63 5.02
C GLY B 224 14.72 8.21 6.39
N LEU B 225 15.28 7.65 7.46
CA LEU B 225 14.90 8.05 8.79
C LEU B 225 15.26 9.50 9.07
N GLY B 226 16.37 9.99 8.52
CA GLY B 226 16.73 11.37 8.76
C GLY B 226 15.73 12.37 8.19
N LEU B 227 14.86 11.94 7.28
CA LEU B 227 13.87 12.84 6.70
C LEU B 227 12.80 13.24 7.71
N ARG B 228 12.59 12.45 8.76
CA ARG B 228 11.61 12.85 9.76
C ARG B 228 11.91 14.24 10.28
N GLN B 229 13.14 14.47 10.73
CA GLN B 229 13.52 15.78 11.23
C GLN B 229 13.77 16.78 10.11
N ALA B 230 14.34 16.32 8.99
CA ALA B 230 14.71 17.25 7.92
C ALA B 230 13.48 17.89 7.30
N ILE B 231 12.45 17.09 6.99
CA ILE B 231 11.24 17.63 6.38
C ILE B 231 10.52 18.57 7.35
N THR B 232 10.42 18.17 8.62
CA THR B 232 9.78 19.03 9.62
C THR B 232 10.48 20.38 9.71
N LYS B 233 11.81 20.37 9.72
CA LYS B 233 12.52 21.65 9.82
C LYS B 233 12.37 22.47 8.57
N GLU B 234 12.23 21.83 7.40
CA GLU B 234 12.02 22.60 6.18
C GLU B 234 10.68 23.32 6.20
N VAL B 235 9.67 22.67 6.78
CA VAL B 235 8.37 23.31 6.93
C VAL B 235 8.47 24.46 7.94
N LEU B 236 9.13 24.22 9.07
CA LEU B 236 9.27 25.25 10.08
C LEU B 236 10.02 26.46 9.51
N LYS B 237 11.04 26.22 8.70
CA LYS B 237 11.78 27.30 8.07
C LYS B 237 10.92 28.04 7.05
N GLN B 238 10.14 27.30 6.24
CA GLN B 238 9.28 27.97 5.28
C GLN B 238 8.28 28.87 5.98
N GLU B 239 7.73 28.42 7.10
CA GLU B 239 6.77 29.24 7.85
C GLU B 239 7.47 30.22 8.78
N LYS B 240 8.79 30.32 8.69
CA LYS B 240 9.58 31.32 9.41
C LYS B 240 9.39 31.18 10.91
N ILE B 241 9.13 29.95 11.36
CA ILE B 241 9.09 29.69 12.80
C ILE B 241 10.50 29.56 13.35
N ILE B 242 11.41 29.01 12.57
CA ILE B 242 12.83 28.97 12.92
C ILE B 242 13.61 29.57 11.76
N PRO B 243 14.81 30.09 12.01
CA PRO B 243 15.64 30.66 10.94
C PRO B 243 16.13 29.58 9.99
N GLU C 2 -14.10 23.55 14.51
CA GLU C 2 -14.35 22.70 13.36
C GLU C 2 -15.14 21.44 13.73
N TRP C 3 -14.81 20.87 14.89
CA TRP C 3 -15.49 19.69 15.39
C TRP C 3 -15.92 19.93 16.83
N GLN C 4 -17.16 19.59 17.13
CA GLN C 4 -17.71 19.67 18.48
C GLN C 4 -18.28 18.33 18.86
N GLU C 5 -18.03 17.93 20.10
CA GLU C 5 -18.49 16.66 20.62
C GLU C 5 -19.73 16.91 21.49
N ASN C 6 -20.81 16.18 21.20
CA ASN C 6 -22.08 16.28 21.93
C ASN C 6 -22.38 14.89 22.48
N LYS C 7 -21.95 14.66 23.72
CA LYS C 7 -22.12 13.40 24.43
C LYS C 7 -23.57 13.11 24.78
N SER C 8 -24.46 14.10 24.71
CA SER C 8 -25.86 13.84 25.04
C SER C 8 -26.47 12.86 24.04
N TRP C 9 -25.91 12.80 22.83
CA TRP C 9 -26.37 11.80 21.87
C TRP C 9 -26.10 10.37 22.32
N ASN C 10 -25.18 10.19 23.29
CA ASN C 10 -24.91 8.84 23.78
C ASN C 10 -26.15 8.20 24.37
N ALA C 11 -27.11 9.00 24.85
CA ALA C 11 -28.34 8.43 25.39
C ALA C 11 -29.06 7.61 24.33
N HIS C 12 -29.04 8.07 23.08
CA HIS C 12 -29.76 7.36 22.02
C HIS C 12 -29.18 5.98 21.77
N PHE C 13 -27.89 5.79 22.03
CA PHE C 13 -27.32 4.45 21.94
C PHE C 13 -27.60 3.65 23.20
N THR C 14 -27.47 4.27 24.37
CA THR C 14 -27.69 3.55 25.62
C THR C 14 -29.15 3.12 25.75
N GLU C 15 -30.08 3.91 25.24
CA GLU C 15 -31.49 3.55 25.30
C GLU C 15 -31.74 2.24 24.60
N HIS C 16 -30.90 1.89 23.61
CA HIS C 16 -31.03 0.64 22.86
C HIS C 16 -29.91 -0.36 23.18
N LYS C 17 -29.24 -0.25 24.32
CA LYS C 17 -28.18 -1.21 24.68
C LYS C 17 -27.18 -1.37 23.54
N SER C 18 -26.82 -0.25 22.90
CA SER C 18 -25.99 -0.25 21.71
C SER C 18 -24.76 0.62 21.94
N GLN C 19 -23.77 0.44 21.08
CA GLN C 19 -22.58 1.28 21.09
C GLN C 19 -22.32 1.73 19.66
N GLY C 20 -22.00 3.01 19.49
CA GLY C 20 -21.74 3.49 18.15
C GLY C 20 -21.39 4.96 18.13
N VAL C 21 -21.33 5.51 16.92
CA VAL C 21 -21.06 6.92 16.71
C VAL C 21 -21.97 7.45 15.62
N VAL C 22 -22.43 8.68 15.79
CA VAL C 22 -23.07 9.46 14.73
C VAL C 22 -22.21 10.69 14.46
N VAL C 23 -21.94 10.96 13.19
CA VAL C 23 -21.20 12.15 12.76
C VAL C 23 -22.09 12.97 11.84
N LEU C 24 -22.24 14.25 12.13
CA LEU C 24 -23.00 15.17 11.29
C LEU C 24 -22.10 16.29 10.80
N TRP C 25 -22.34 16.74 9.56
CA TRP C 25 -21.60 17.87 9.00
C TRP C 25 -22.59 18.87 8.42
N ASN C 26 -22.56 20.09 8.95
CA ASN C 26 -23.38 21.20 8.48
C ASN C 26 -22.67 21.86 7.32
N GLU C 27 -23.19 21.68 6.10
CA GLU C 27 -22.48 22.18 4.92
C GLU C 27 -22.41 23.69 4.88
N ASN C 28 -23.50 24.38 5.23
CA ASN C 28 -23.48 25.84 5.17
C ASN C 28 -22.42 26.41 6.10
N LYS C 29 -22.34 25.89 7.32
CA LYS C 29 -21.50 26.44 8.36
C LYS C 29 -20.12 25.79 8.38
N GLN C 30 -19.92 24.73 7.63
CA GLN C 30 -18.65 24.01 7.59
C GLN C 30 -18.22 23.60 8.99
N GLN C 31 -19.15 22.98 9.72
CA GLN C 31 -18.91 22.52 11.08
C GLN C 31 -19.45 21.12 11.26
N GLY C 32 -18.73 20.32 12.05
CA GLY C 32 -19.10 18.96 12.32
C GLY C 32 -19.45 18.74 13.77
N PHE C 33 -20.23 17.68 14.03
CA PHE C 33 -20.72 17.34 15.36
C PHE C 33 -20.76 15.82 15.50
N THR C 34 -20.36 15.31 16.66
CA THR C 34 -20.39 13.88 16.89
C THR C 34 -20.48 13.58 18.39
N ASN C 35 -20.93 12.37 18.71
CA ASN C 35 -20.96 11.97 20.12
C ASN C 35 -19.62 11.41 20.60
N ASN C 36 -18.71 11.08 19.69
CA ASN C 36 -17.49 10.36 20.03
C ASN C 36 -16.47 10.73 18.95
N LEU C 37 -15.65 11.73 19.23
CA LEU C 37 -14.65 12.19 18.27
C LEU C 37 -13.68 11.07 17.88
N LYS C 38 -13.31 10.22 18.85
CA LYS C 38 -12.38 9.13 18.56
C LYS C 38 -13.00 8.11 17.61
N ARG C 39 -14.20 7.60 17.94
CA ARG C 39 -14.77 6.60 17.05
C ARG C 39 -15.15 7.20 15.70
N ALA C 40 -15.46 8.50 15.66
CA ALA C 40 -15.75 9.15 14.38
C ALA C 40 -14.58 9.02 13.42
N ASN C 41 -13.35 8.88 13.94
CA ASN C 41 -12.16 8.77 13.13
C ASN C 41 -11.61 7.34 13.14
N GLN C 42 -12.37 6.38 13.67
CA GLN C 42 -11.90 5.01 13.61
C GLN C 42 -12.28 4.41 12.26
N ALA C 43 -11.30 3.78 11.60
CA ALA C 43 -11.51 3.27 10.25
C ALA C 43 -11.94 1.81 10.32
N PHE C 44 -13.04 1.47 9.63
CA PHE C 44 -13.59 0.13 9.58
C PHE C 44 -13.71 -0.33 8.13
N LEU C 45 -13.96 -1.62 7.94
CA LEU C 45 -14.38 -2.10 6.63
C LEU C 45 -15.65 -1.36 6.21
N PRO C 46 -15.77 -0.95 4.95
CA PRO C 46 -16.98 -0.22 4.53
C PRO C 46 -18.18 -1.13 4.30
N ALA C 47 -17.96 -2.42 4.03
CA ALA C 47 -19.01 -3.37 3.67
C ALA C 47 -19.86 -2.73 2.60
N SER C 48 -21.19 -2.83 2.70
CA SER C 48 -22.00 -2.43 1.55
C SER C 48 -22.05 -0.93 1.34
N THR C 49 -21.51 -0.09 2.23
CA THR C 49 -21.38 1.32 1.86
C THR C 49 -20.43 1.49 0.68
N PHE C 50 -19.61 0.48 0.41
CA PHE C 50 -18.71 0.51 -0.73
C PHE C 50 -19.45 0.46 -2.07
N KCX C 51 -20.74 0.14 -2.06
CA KCX C 51 -21.49 0.11 -3.31
CB KCX C 51 -22.90 -0.50 -3.10
CG KCX C 51 -22.84 -2.03 -2.87
CD KCX C 51 -24.21 -2.75 -2.77
CE KCX C 51 -24.03 -4.27 -2.70
NZ KCX C 51 -23.29 -4.65 -1.45
C KCX C 51 -21.56 1.52 -3.92
O KCX C 51 -21.72 1.67 -5.14
CX KCX C 51 -22.00 -4.97 -1.43
OQ1 KCX C 51 -21.50 -5.26 -0.34
OQ2 KCX C 51 -21.32 -4.98 -2.46
H KCX C 51 -21.20 -0.06 -1.36
HA KCX C 51 -21.02 -0.47 -3.95
HB2 KCX C 51 -23.30 -0.09 -2.32
HG2 KCX C 51 -22.34 -2.45 -3.60
HD2 KCX C 51 -24.73 -2.54 -3.56
HE2 KCX C 51 -23.50 -4.57 -3.45
N ILE C 52 -21.36 2.56 -3.12
CA ILE C 52 -21.37 3.89 -3.68
C ILE C 52 -20.18 4.08 -4.63
N PRO C 53 -18.94 3.96 -4.16
CA PRO C 53 -17.79 4.08 -5.09
C PRO C 53 -17.74 3.01 -6.17
N ASN C 54 -18.14 1.78 -5.85
CA ASN C 54 -18.18 0.71 -6.86
C ASN C 54 -19.13 1.09 -8.01
N SER C 55 -20.29 1.65 -7.68
CA SER C 55 -21.23 2.10 -8.71
C SER C 55 -20.63 3.19 -9.58
N LEU C 56 -20.00 4.18 -8.97
CA LEU C 56 -19.37 5.27 -9.73
C LEU C 56 -18.34 4.74 -10.71
N ILE C 57 -17.47 3.83 -10.23
CA ILE C 57 -16.41 3.29 -11.10
C ILE C 57 -17.01 2.46 -12.22
N ALA C 58 -17.98 1.61 -11.90
CA ALA C 58 -18.60 0.77 -12.92
C ALA C 58 -19.27 1.61 -14.01
N LEU C 59 -19.98 2.66 -13.61
CA LEU C 59 -20.62 3.53 -14.58
C LEU C 59 -19.59 4.26 -15.43
N ASP C 60 -18.55 4.80 -14.79
CA ASP C 60 -17.62 5.63 -15.55
C ASP C 60 -16.81 4.79 -16.54
N LEU C 61 -16.55 3.52 -16.22
CA LEU C 61 -15.82 2.65 -17.14
C LEU C 61 -16.72 1.97 -18.17
N GLY C 62 -18.03 2.15 -18.10
CA GLY C 62 -18.92 1.48 -19.03
C GLY C 62 -19.27 0.05 -18.65
N VAL C 63 -18.84 -0.44 -17.48
CA VAL C 63 -19.27 -1.75 -17.00
C VAL C 63 -20.78 -1.77 -16.84
N VAL C 64 -21.35 -0.69 -16.31
CA VAL C 64 -22.79 -0.47 -16.26
C VAL C 64 -23.13 0.63 -17.25
N LYS C 65 -24.03 0.35 -18.19
CA LYS C 65 -24.32 1.34 -19.22
C LYS C 65 -25.22 2.45 -18.68
N ASP C 66 -26.27 2.09 -17.95
CA ASP C 66 -27.15 3.08 -17.33
C ASP C 66 -27.93 2.38 -16.22
N GLU C 67 -28.84 3.12 -15.59
CA GLU C 67 -29.56 2.61 -14.44
C GLU C 67 -30.69 1.67 -14.81
N HIS C 68 -30.93 1.43 -16.10
CA HIS C 68 -31.96 0.49 -16.55
C HIS C 68 -31.40 -0.86 -16.95
N GLN C 69 -30.09 -0.95 -17.18
CA GLN C 69 -29.48 -2.20 -17.60
C GLN C 69 -29.77 -3.28 -16.58
N VAL C 70 -30.15 -4.45 -17.07
CA VAL C 70 -30.60 -5.55 -16.23
C VAL C 70 -29.45 -6.54 -16.05
N PHE C 71 -29.17 -6.88 -14.78
CA PHE C 71 -28.18 -7.88 -14.41
C PHE C 71 -28.93 -9.13 -13.97
N LYS C 72 -28.89 -10.14 -14.83
CA LYS C 72 -29.69 -11.33 -14.66
C LYS C 72 -29.22 -12.13 -13.46
N TRP C 73 -30.16 -12.67 -12.71
CA TRP C 73 -29.82 -13.59 -11.63
C TRP C 73 -29.02 -14.75 -12.20
N ASP C 74 -27.94 -15.14 -11.52
CA ASP C 74 -27.13 -16.25 -12.00
C ASP C 74 -27.71 -17.62 -11.65
N GLY C 75 -28.89 -17.67 -11.05
CA GLY C 75 -29.54 -18.94 -10.77
C GLY C 75 -29.06 -19.66 -9.52
N GLN C 76 -28.14 -19.07 -8.76
CA GLN C 76 -27.72 -19.66 -7.48
C GLN C 76 -28.64 -19.12 -6.39
N THR C 77 -29.35 -20.01 -5.71
CA THR C 77 -30.22 -19.59 -4.63
C THR C 77 -29.36 -19.20 -3.42
N ARG C 78 -29.51 -17.96 -2.98
CA ARG C 78 -28.78 -17.44 -1.83
C ARG C 78 -29.75 -17.16 -0.69
N ASP C 79 -29.18 -16.86 0.47
CA ASP C 79 -29.96 -16.80 1.70
C ASP C 79 -30.82 -15.56 1.83
N ILE C 80 -30.54 -14.52 1.04
CA ILE C 80 -31.35 -13.30 1.04
C ILE C 80 -32.25 -13.35 -0.18
N ALA C 81 -33.56 -13.53 0.05
CA ALA C 81 -34.48 -13.84 -1.03
C ALA C 81 -34.46 -12.77 -2.12
N THR C 82 -34.32 -11.50 -1.74
CA THR C 82 -34.35 -10.44 -2.73
C THR C 82 -33.16 -10.47 -3.66
N TRP C 83 -32.11 -11.23 -3.35
CA TRP C 83 -30.98 -11.36 -4.25
C TRP C 83 -31.24 -12.36 -5.38
N ASN C 84 -32.23 -13.24 -5.23
CA ASN C 84 -32.47 -14.31 -6.20
C ASN C 84 -33.47 -13.87 -7.28
N ARG C 85 -33.12 -12.78 -7.95
CA ARG C 85 -33.96 -12.22 -9.01
C ARG C 85 -33.10 -11.27 -9.84
N ASP C 86 -33.64 -10.87 -10.99
CA ASP C 86 -32.97 -9.87 -11.81
C ASP C 86 -32.99 -8.52 -11.10
N HIS C 87 -31.96 -7.71 -11.35
CA HIS C 87 -31.82 -6.39 -10.75
C HIS C 87 -31.28 -5.41 -11.77
N ASN C 88 -31.54 -4.12 -11.53
CA ASN C 88 -30.80 -3.04 -12.16
C ASN C 88 -30.04 -2.29 -11.06
N LEU C 89 -29.36 -1.21 -11.45
CA LEU C 89 -28.54 -0.49 -10.49
C LEU C 89 -29.36 0.04 -9.32
N ILE C 90 -30.56 0.55 -9.59
CA ILE C 90 -31.41 1.10 -8.54
C ILE C 90 -31.78 0.00 -7.55
N THR C 91 -32.30 -1.12 -8.06
CA THR C 91 -32.72 -2.17 -7.15
C THR C 91 -31.52 -2.87 -6.52
N ALA C 92 -30.41 -2.98 -7.25
CA ALA C 92 -29.21 -3.60 -6.67
C ALA C 92 -28.72 -2.81 -5.46
N MET C 93 -28.81 -1.49 -5.51
N MET C 93 -28.78 -1.49 -5.53
CA MET C 93 -28.43 -0.72 -4.33
CA MET C 93 -28.46 -0.66 -4.37
C MET C 93 -29.50 -0.78 -3.26
C MET C 93 -29.50 -0.84 -3.29
N LYS C 94 -30.78 -0.77 -3.66
CA LYS C 94 -31.86 -0.82 -2.68
C LYS C 94 -31.78 -2.08 -1.80
N TYR C 95 -31.55 -3.24 -2.41
CA TYR C 95 -31.51 -4.51 -1.69
C TYR C 95 -30.09 -4.97 -1.37
N SER C 96 -29.11 -4.10 -1.62
CA SER C 96 -27.71 -4.34 -1.32
C SER C 96 -27.25 -5.73 -1.81
N VAL C 97 -27.42 -5.93 -3.13
CA VAL C 97 -27.20 -7.21 -3.78
C VAL C 97 -25.71 -7.42 -4.05
N VAL C 98 -25.04 -8.00 -3.08
CA VAL C 98 -23.59 -8.25 -3.18
C VAL C 98 -23.20 -8.95 -4.48
N PRO C 99 -23.85 -10.06 -4.88
CA PRO C 99 -23.32 -10.78 -6.05
C PRO C 99 -23.29 -9.96 -7.32
N VAL C 100 -24.18 -8.97 -7.47
CA VAL C 100 -24.13 -8.10 -8.65
C VAL C 100 -22.89 -7.23 -8.62
N TYR C 101 -22.57 -6.68 -7.44
CA TYR C 101 -21.40 -5.81 -7.31
C TYR C 101 -20.10 -6.60 -7.34
N GLN C 102 -20.12 -7.87 -6.95
CA GLN C 102 -18.92 -8.69 -7.12
C GLN C 102 -18.60 -8.87 -8.60
N GLU C 103 -19.64 -9.02 -9.42
CA GLU C 103 -19.44 -9.11 -10.86
C GLU C 103 -18.93 -7.78 -11.42
N PHE C 104 -19.46 -6.65 -10.96
CA PHE C 104 -18.88 -5.36 -11.34
C PHE C 104 -17.39 -5.32 -11.05
N ALA C 105 -17.01 -5.69 -9.83
CA ALA C 105 -15.61 -5.57 -9.39
C ALA C 105 -14.70 -6.43 -10.25
N ARG C 106 -15.11 -7.66 -10.57
CA ARG C 106 -14.30 -8.50 -11.43
C ARG C 106 -14.09 -7.84 -12.79
N GLN C 107 -15.12 -7.20 -13.34
CA GLN C 107 -14.98 -6.57 -14.65
C GLN C 107 -14.17 -5.30 -14.56
N ILE C 108 -14.25 -4.58 -13.44
CA ILE C 108 -13.40 -3.42 -13.23
C ILE C 108 -11.94 -3.85 -13.20
N GLY C 109 -11.63 -4.83 -12.35
CA GLY C 109 -10.28 -5.35 -12.22
C GLY C 109 -9.46 -4.59 -11.19
N GLU C 110 -8.44 -5.28 -10.68
CA GLU C 110 -7.65 -4.77 -9.55
C GLU C 110 -7.02 -3.42 -9.88
N ALA C 111 -6.37 -3.33 -11.03
CA ALA C 111 -5.59 -2.15 -11.35
C ALA C 111 -6.48 -0.90 -11.41
N ARG C 112 -7.59 -0.99 -12.13
CA ARG C 112 -8.48 0.16 -12.27
C ARG C 112 -9.18 0.48 -10.97
N MET C 113 -9.57 -0.55 -10.21
CA MET C 113 -10.19 -0.31 -8.92
C MET C 113 -9.22 0.43 -7.99
N SER C 114 -7.97 -0.03 -7.95
CA SER C 114 -6.97 0.60 -7.09
C SER C 114 -6.76 2.06 -7.47
N LYS C 115 -6.58 2.33 -8.77
CA LYS C 115 -6.31 3.68 -9.24
C LYS C 115 -7.47 4.62 -8.94
N MET C 116 -8.70 4.14 -9.12
N MET C 116 -8.71 4.14 -9.08
CA MET C 116 -9.88 4.98 -8.88
CA MET C 116 -9.85 5.02 -8.87
C MET C 116 -10.02 5.34 -7.41
C MET C 116 -10.05 5.34 -7.39
N LEU C 117 -9.82 4.38 -6.51
CA LEU C 117 -9.95 4.69 -5.09
C LEU C 117 -8.89 5.70 -4.66
N HIS C 118 -7.69 5.62 -5.23
CA HIS C 118 -6.71 6.66 -5.00
C HIS C 118 -7.21 8.01 -5.51
N ALA C 119 -7.80 8.01 -6.69
CA ALA C 119 -8.32 9.27 -7.24
C ALA C 119 -9.42 9.85 -6.35
N PHE C 120 -10.23 8.98 -5.73
CA PHE C 120 -11.29 9.37 -4.82
C PHE C 120 -10.76 9.77 -3.45
N ASP C 121 -9.49 9.51 -3.16
CA ASP C 121 -8.94 9.75 -1.81
C ASP C 121 -9.73 8.96 -0.77
N TYR C 122 -10.12 7.74 -1.12
CA TYR C 122 -11.11 6.98 -0.35
C TYR C 122 -10.42 6.15 0.74
N GLY C 123 -10.64 6.53 2.00
CA GLY C 123 -10.15 5.73 3.11
C GLY C 123 -8.64 5.52 3.04
N ASN C 124 -8.20 4.31 3.39
CA ASN C 124 -6.78 3.98 3.29
C ASN C 124 -6.37 3.54 1.89
N GLU C 125 -7.27 3.55 0.92
CA GLU C 125 -7.00 3.29 -0.50
C GLU C 125 -6.38 1.90 -0.75
N ASP C 126 -6.60 0.93 0.14
CA ASP C 126 -5.92 -0.38 0.12
C ASP C 126 -6.94 -1.46 -0.23
N ILE C 127 -6.80 -2.07 -1.40
CA ILE C 127 -7.76 -3.08 -1.87
C ILE C 127 -7.24 -4.50 -1.68
N SER C 128 -6.22 -4.68 -0.86
CA SER C 128 -5.65 -6.01 -0.66
C SER C 128 -6.75 -7.04 -0.35
N GLY C 129 -6.63 -8.21 -0.95
CA GLY C 129 -7.64 -9.23 -0.85
C GLY C 129 -8.17 -9.62 -2.22
N ASN C 130 -9.34 -10.27 -2.25
CA ASN C 130 -9.94 -10.62 -3.52
C ASN C 130 -10.57 -9.37 -4.14
N VAL C 131 -10.38 -9.20 -5.45
CA VAL C 131 -10.91 -8.02 -6.12
C VAL C 131 -12.41 -7.94 -5.98
N ASP C 132 -13.06 -9.08 -5.77
CA ASP C 132 -14.51 -9.14 -5.62
C ASP C 132 -14.98 -9.33 -4.17
N SER C 133 -14.12 -9.07 -3.18
CA SER C 133 -14.60 -9.13 -1.80
C SER C 133 -13.81 -8.26 -0.81
N PHE C 134 -12.88 -7.44 -1.30
CA PHE C 134 -11.98 -6.74 -0.38
C PHE C 134 -12.72 -5.75 0.51
N TRP C 135 -13.89 -5.24 0.07
CA TRP C 135 -14.66 -4.34 0.92
C TRP C 135 -15.42 -5.07 2.02
N LEU C 136 -15.46 -6.40 1.97
CA LEU C 136 -16.11 -7.25 2.97
C LEU C 136 -15.13 -8.00 3.87
N ASP C 137 -13.96 -8.41 3.35
CA ASP C 137 -13.01 -9.13 4.19
C ASP C 137 -11.56 -8.86 3.79
N GLY C 138 -11.27 -7.79 3.08
CA GLY C 138 -9.94 -7.42 2.68
C GLY C 138 -9.35 -6.31 3.53
N GLY C 139 -8.44 -5.55 2.94
CA GLY C 139 -7.62 -4.59 3.67
C GLY C 139 -8.11 -3.16 3.70
N ILE C 140 -9.20 -2.85 3.00
CA ILE C 140 -9.68 -1.47 2.90
C ILE C 140 -10.36 -1.05 4.20
N ARG C 141 -10.09 0.19 4.61
CA ARG C 141 -10.66 0.74 5.83
C ARG C 141 -11.01 2.21 5.62
N ILE C 142 -12.11 2.63 6.24
CA ILE C 142 -12.56 4.01 6.13
C ILE C 142 -13.31 4.37 7.40
N SER C 143 -13.11 5.60 7.86
CA SER C 143 -13.78 6.13 9.04
C SER C 143 -15.03 6.91 8.66
N ALA C 144 -15.84 7.22 9.69
CA ALA C 144 -17.06 8.00 9.45
C ALA C 144 -16.76 9.39 8.89
N THR C 145 -15.75 10.08 9.43
CA THR C 145 -15.42 11.40 8.89
C THR C 145 -14.90 11.32 7.46
N GLU C 146 -14.16 10.25 7.14
CA GLU C 146 -13.69 10.07 5.77
C GLU C 146 -14.84 9.73 4.83
N GLN C 147 -15.86 9.03 5.31
CA GLN C 147 -17.06 8.81 4.51
C GLN C 147 -17.71 10.15 4.16
N ILE C 148 -17.80 11.06 5.14
CA ILE C 148 -18.39 12.38 4.88
C ILE C 148 -17.59 13.16 3.85
N SER C 149 -16.26 13.17 3.99
N SER C 149 -16.26 13.16 3.98
CA SER C 149 -15.42 13.89 3.04
CA SER C 149 -15.45 13.91 3.03
C SER C 149 -15.68 13.38 1.63
C SER C 149 -15.64 13.38 1.61
N PHE C 150 -15.72 12.06 1.47
CA PHE C 150 -15.99 11.46 0.16
C PHE C 150 -17.39 11.83 -0.34
N LEU C 151 -18.39 11.76 0.53
CA LEU C 151 -19.75 12.08 0.13
C LEU C 151 -19.88 13.56 -0.26
N ARG C 152 -19.17 14.44 0.42
CA ARG C 152 -19.26 15.86 0.07
C ARG C 152 -18.78 16.10 -1.37
N LYS C 153 -17.71 15.43 -1.78
CA LYS C 153 -17.26 15.53 -3.17
C LYS C 153 -18.31 15.02 -4.14
N LEU C 154 -18.91 13.86 -3.82
CA LEU C 154 -19.97 13.32 -4.66
C LEU C 154 -21.11 14.32 -4.78
N TYR C 155 -21.55 14.88 -3.64
CA TYR C 155 -22.67 15.81 -3.64
C TYR C 155 -22.41 16.97 -4.58
N HIS C 156 -21.18 17.50 -4.58
CA HIS C 156 -20.82 18.66 -5.42
C HIS C 156 -20.31 18.26 -6.80
N ASN C 157 -20.40 16.98 -7.17
CA ASN C 157 -19.91 16.49 -8.47
C ASN C 157 -18.41 16.73 -8.67
N LYS C 158 -17.63 16.63 -7.59
CA LYS C 158 -16.20 16.93 -7.63
C LYS C 158 -15.32 15.68 -7.65
N LEU C 159 -15.89 14.48 -7.61
CA LEU C 159 -15.07 13.30 -7.79
C LEU C 159 -14.57 13.24 -9.23
N HIS C 160 -13.46 12.53 -9.42
CA HIS C 160 -12.82 12.47 -10.74
C HIS C 160 -13.43 11.35 -11.60
N VAL C 161 -14.75 11.47 -11.75
CA VAL C 161 -15.51 10.72 -12.75
C VAL C 161 -16.50 11.71 -13.37
N SER C 162 -17.18 11.27 -14.41
CA SER C 162 -18.06 12.19 -15.13
C SER C 162 -19.20 12.66 -14.25
N GLU C 163 -19.71 13.84 -14.57
CA GLU C 163 -20.91 14.34 -13.89
C GLU C 163 -22.06 13.34 -14.02
N ARG C 164 -22.22 12.75 -15.20
CA ARG C 164 -23.30 11.78 -15.40
C ARG C 164 -23.19 10.63 -14.42
N SER C 165 -22.00 10.06 -14.26
CA SER C 165 -21.86 8.94 -13.34
C SER C 165 -22.26 9.35 -11.93
N GLN C 166 -21.88 10.56 -11.52
CA GLN C 166 -22.21 11.00 -10.16
C GLN C 166 -23.70 11.25 -10.00
N ARG C 167 -24.36 11.82 -11.02
CA ARG C 167 -25.81 12.02 -10.93
C ARG C 167 -26.55 10.68 -10.82
N ILE C 168 -26.14 9.68 -11.60
CA ILE C 168 -26.84 8.39 -11.60
C ILE C 168 -26.72 7.71 -10.24
N VAL C 169 -25.52 7.73 -9.64
CA VAL C 169 -25.33 7.10 -8.34
C VAL C 169 -26.13 7.83 -7.27
N LYS C 170 -26.18 9.16 -7.33
CA LYS C 170 -26.99 9.88 -6.35
C LYS C 170 -28.47 9.58 -6.51
N GLN C 171 -28.91 9.35 -7.74
CA GLN C 171 -30.27 8.86 -7.96
C GLN C 171 -30.48 7.50 -7.31
N ALA C 172 -29.54 6.57 -7.50
CA ALA C 172 -29.65 5.24 -6.92
C ALA C 172 -29.54 5.26 -5.39
N MET C 173 -28.96 6.31 -4.81
CA MET C 173 -28.89 6.45 -3.36
C MET C 173 -30.19 6.96 -2.74
N LEU C 174 -31.15 7.39 -3.55
CA LEU C 174 -32.40 7.92 -3.01
C LEU C 174 -33.04 6.92 -2.08
N THR C 175 -33.28 7.33 -0.83
CA THR C 175 -33.83 6.47 0.22
C THR C 175 -35.18 6.93 0.72
N GLU C 176 -35.36 8.23 0.92
CA GLU C 176 -36.61 8.75 1.46
C GLU C 176 -36.77 10.18 0.97
N ALA C 177 -38.02 10.57 0.70
CA ALA C 177 -38.30 11.94 0.31
C ALA C 177 -39.73 12.28 0.70
N ASN C 178 -39.91 13.48 1.26
CA ASN C 178 -41.22 14.00 1.60
C ASN C 178 -41.17 15.52 1.54
N GLY C 179 -42.23 16.17 2.02
CA GLY C 179 -42.29 17.61 1.95
C GLY C 179 -41.29 18.32 2.84
N ASP C 180 -40.59 17.60 3.72
CA ASP C 180 -39.67 18.22 4.65
C ASP C 180 -38.21 17.94 4.35
N TYR C 181 -37.85 16.81 3.74
CA TYR C 181 -36.44 16.52 3.50
C TYR C 181 -36.32 15.41 2.46
N ILE C 182 -35.11 15.25 1.95
CA ILE C 182 -34.72 14.16 1.08
C ILE C 182 -33.50 13.50 1.71
N ILE C 183 -33.49 12.17 1.79
CA ILE C 183 -32.33 11.42 2.24
C ILE C 183 -31.82 10.59 1.08
N ARG C 184 -30.53 10.78 0.78
CA ARG C 184 -29.75 9.92 -0.10
C ARG C 184 -28.66 9.27 0.75
N ALA C 185 -28.61 7.93 0.76
CA ALA C 185 -27.80 7.21 1.72
C ALA C 185 -27.60 5.77 1.24
N LYS C 186 -26.73 5.05 1.96
CA LYS C 186 -26.47 3.63 1.74
C LYS C 186 -26.15 2.97 3.07
N THR C 187 -26.77 1.82 3.32
CA THR C 187 -26.49 1.03 4.50
C THR C 187 -25.31 0.10 4.26
N GLY C 188 -24.71 -0.33 5.36
CA GLY C 188 -23.66 -1.33 5.31
C GLY C 188 -23.74 -2.23 6.51
N TYR C 189 -23.28 -3.46 6.32
CA TYR C 189 -23.31 -4.48 7.37
C TYR C 189 -22.07 -5.34 7.20
N SER C 190 -21.11 -5.18 8.12
CA SER C 190 -19.83 -5.89 8.05
C SER C 190 -19.84 -7.05 9.02
N THR C 191 -19.80 -8.27 8.49
CA THR C 191 -19.88 -9.46 9.32
C THR C 191 -18.74 -10.43 9.18
N ARG C 192 -17.90 -10.29 8.16
CA ARG C 192 -16.90 -11.32 7.89
C ARG C 192 -15.67 -11.19 8.77
N ILE C 193 -15.39 -10.00 9.28
CA ILE C 193 -14.22 -9.75 10.10
C ILE C 193 -14.67 -8.97 11.32
N GLU C 194 -14.18 -9.35 12.49
CA GLU C 194 -14.54 -8.61 13.68
C GLU C 194 -13.90 -7.22 13.64
N PRO C 195 -14.54 -6.20 14.26
CA PRO C 195 -15.83 -6.28 14.96
C PRO C 195 -17.00 -6.16 13.99
N LYS C 196 -18.06 -6.92 14.21
CA LYS C 196 -19.24 -6.78 13.35
C LYS C 196 -19.88 -5.43 13.62
N ILE C 197 -20.13 -4.67 12.56
CA ILE C 197 -20.69 -3.33 12.69
C ILE C 197 -21.72 -3.12 11.59
N GLY C 198 -22.61 -2.15 11.84
CA GLY C 198 -23.50 -1.65 10.82
C GLY C 198 -23.18 -0.19 10.54
N TRP C 199 -23.40 0.22 9.30
CA TRP C 199 -23.16 1.56 8.79
C TRP C 199 -24.46 2.18 8.26
N TRP C 200 -24.52 3.50 8.30
CA TRP C 200 -25.44 4.28 7.46
C TRP C 200 -24.75 5.60 7.15
N VAL C 201 -24.54 5.89 5.88
CA VAL C 201 -23.86 7.10 5.45
C VAL C 201 -24.67 7.75 4.34
N GLY C 202 -24.67 9.08 4.33
CA GLY C 202 -25.40 9.81 3.30
C GLY C 202 -25.56 11.25 3.68
N TRP C 203 -26.66 11.84 3.23
CA TRP C 203 -26.95 13.21 3.58
C TRP C 203 -28.45 13.48 3.53
N VAL C 204 -28.83 14.54 4.25
CA VAL C 204 -30.20 15.04 4.30
C VAL C 204 -30.22 16.38 3.59
N GLU C 205 -31.04 16.47 2.56
CA GLU C 205 -31.23 17.70 1.80
C GLU C 205 -32.42 18.46 2.38
N LEU C 206 -32.18 19.71 2.76
CA LEU C 206 -33.23 20.64 3.19
C LEU C 206 -33.36 21.75 2.17
N ASP C 207 -34.37 22.61 2.38
CA ASP C 207 -34.60 23.72 1.46
C ASP C 207 -33.35 24.59 1.30
N ASP C 208 -32.66 24.87 2.42
CA ASP C 208 -31.58 25.86 2.45
C ASP C 208 -30.26 25.32 3.01
N ASN C 209 -30.10 24.00 3.14
CA ASN C 209 -28.85 23.46 3.65
C ASN C 209 -28.81 21.97 3.33
N VAL C 210 -27.63 21.37 3.52
N VAL C 210 -27.63 21.39 3.51
CA VAL C 210 -27.49 19.92 3.43
CA VAL C 210 -27.43 19.94 3.42
C VAL C 210 -26.67 19.45 4.61
C VAL C 210 -26.68 19.50 4.67
N TRP C 211 -27.19 18.46 5.33
CA TRP C 211 -26.51 17.85 6.47
C TRP C 211 -25.98 16.49 6.06
N PHE C 212 -24.67 16.36 6.00
CA PHE C 212 -24.07 15.06 5.73
C PHE C 212 -23.99 14.26 7.03
N PHE C 213 -24.13 12.94 6.91
CA PHE C 213 -24.08 12.08 8.09
C PHE C 213 -23.36 10.77 7.79
N ALA C 214 -22.75 10.20 8.84
CA ALA C 214 -22.18 8.86 8.78
C ALA C 214 -22.24 8.28 10.18
N MET C 215 -22.80 7.09 10.30
CA MET C 215 -22.93 6.44 11.59
C MET C 215 -22.44 5.01 11.45
N ASN C 216 -21.83 4.51 12.52
CA ASN C 216 -21.64 3.07 12.61
C ASN C 216 -21.90 2.63 14.04
N MET C 217 -22.20 1.35 14.19
CA MET C 217 -22.53 0.81 15.51
C MET C 217 -22.18 -0.67 15.56
N ASP C 218 -21.88 -1.15 16.76
CA ASP C 218 -21.66 -2.58 16.95
C ASP C 218 -22.94 -3.34 16.59
N MET C 219 -22.77 -4.47 15.91
CA MET C 219 -23.89 -5.24 15.36
C MET C 219 -23.58 -6.72 15.52
N PRO C 220 -23.61 -7.21 16.76
CA PRO C 220 -23.31 -8.63 16.99
C PRO C 220 -24.29 -9.58 16.32
N THR C 221 -25.55 -9.18 16.16
CA THR C 221 -26.53 -9.98 15.46
C THR C 221 -27.30 -9.07 14.52
N SER C 222 -27.95 -9.69 13.53
CA SER C 222 -28.75 -8.92 12.57
C SER C 222 -30.02 -8.36 13.19
N ASP C 223 -30.34 -8.72 14.43
CA ASP C 223 -31.58 -8.26 15.04
C ASP C 223 -31.64 -6.75 15.14
N GLY C 224 -30.48 -6.10 15.23
CA GLY C 224 -30.42 -4.67 15.46
C GLY C 224 -30.21 -3.81 14.24
N LEU C 225 -30.37 -4.34 13.02
CA LEU C 225 -30.01 -3.57 11.85
C LEU C 225 -30.88 -2.31 11.71
N GLY C 226 -32.15 -2.39 12.10
CA GLY C 226 -33.02 -1.23 11.98
C GLY C 226 -32.58 -0.06 12.84
N LEU C 227 -31.73 -0.31 13.84
CA LEU C 227 -31.27 0.77 14.71
C LEU C 227 -30.34 1.72 13.99
N ARG C 228 -29.72 1.28 12.90
CA ARG C 228 -28.84 2.19 12.16
C ARG C 228 -29.59 3.45 11.79
N GLN C 229 -30.75 3.29 11.15
CA GLN C 229 -31.56 4.43 10.74
C GLN C 229 -32.30 5.06 11.92
N ALA C 230 -32.77 4.25 12.87
CA ALA C 230 -33.57 4.78 13.98
C ALA C 230 -32.74 5.69 14.87
N ILE C 231 -31.54 5.27 15.25
CA ILE C 231 -30.69 6.09 16.10
C ILE C 231 -30.31 7.37 15.36
N THR C 232 -29.93 7.25 14.09
CA THR C 232 -29.56 8.42 13.31
C THR C 232 -30.70 9.43 13.30
N LYS C 233 -31.92 8.96 13.07
CA LYS C 233 -33.06 9.87 13.00
C LYS C 233 -33.39 10.46 14.37
N GLU C 234 -33.13 9.73 15.46
CA GLU C 234 -33.35 10.30 16.78
C GLU C 234 -32.39 11.46 17.03
N VAL C 235 -31.16 11.37 16.52
CA VAL C 235 -30.22 12.49 16.60
C VAL C 235 -30.68 13.64 15.72
N LEU C 236 -31.07 13.34 14.48
CA LEU C 236 -31.54 14.39 13.58
C LEU C 236 -32.74 15.12 14.16
N LYS C 237 -33.65 14.40 14.83
CA LYS C 237 -34.79 15.05 15.46
C LYS C 237 -34.37 15.91 16.63
N GLN C 238 -33.46 15.42 17.46
CA GLN C 238 -33.00 16.20 18.60
C GLN C 238 -32.34 17.49 18.15
N GLU C 239 -31.62 17.45 17.05
CA GLU C 239 -31.00 18.64 16.51
C GLU C 239 -31.94 19.45 15.62
N LYS C 240 -33.22 19.07 15.55
CA LYS C 240 -34.21 19.82 14.80
C LYS C 240 -33.86 19.95 13.32
N ILE C 241 -33.14 18.97 12.78
CA ILE C 241 -32.87 18.92 11.35
C ILE C 241 -34.07 18.34 10.60
N ILE C 242 -34.75 17.37 11.20
CA ILE C 242 -35.98 16.84 10.64
C ILE C 242 -37.00 16.93 11.76
N PRO C 243 -38.30 17.01 11.46
CA PRO C 243 -39.34 17.11 12.49
C PRO C 243 -39.55 15.82 13.27
N GLU D 2 11.99 31.05 -21.40
CA GLU D 2 11.55 30.32 -22.59
C GLU D 2 10.81 29.04 -22.19
N TRP D 3 11.23 28.42 -21.10
CA TRP D 3 10.58 27.22 -20.59
C TRP D 3 10.18 27.43 -19.15
N GLN D 4 8.92 27.11 -18.82
CA GLN D 4 8.41 27.21 -17.47
C GLN D 4 7.86 25.86 -17.06
N GLU D 5 8.14 25.48 -15.81
CA GLU D 5 7.73 24.21 -15.26
C GLU D 5 6.53 24.43 -14.35
N ASN D 6 5.46 23.68 -14.60
CA ASN D 6 4.22 23.77 -13.83
C ASN D 6 3.96 22.39 -13.26
N LYS D 7 4.42 22.18 -12.02
CA LYS D 7 4.31 20.90 -11.33
C LYS D 7 2.87 20.53 -10.99
N SER D 8 1.94 21.47 -11.08
CA SER D 8 0.55 21.18 -10.74
C SER D 8 -0.07 20.20 -11.74
N TRP D 9 0.45 20.16 -12.96
CA TRP D 9 -0.05 19.17 -13.92
C TRP D 9 0.28 17.75 -13.50
N ASN D 10 1.24 17.56 -12.60
CA ASN D 10 1.55 16.20 -12.18
C ASN D 10 0.33 15.49 -11.59
N ALA D 11 -0.60 16.25 -11.02
CA ALA D 11 -1.80 15.64 -10.45
C ALA D 11 -2.58 14.85 -11.50
N HIS D 12 -2.55 15.32 -12.76
CA HIS D 12 -3.25 14.61 -13.82
C HIS D 12 -2.67 13.22 -14.07
N PHE D 13 -1.36 13.03 -13.82
CA PHE D 13 -0.77 11.70 -13.94
C PHE D 13 -0.95 10.89 -12.67
N THR D 14 -0.74 11.50 -11.49
CA THR D 14 -0.79 10.76 -10.23
C THR D 14 -2.20 10.25 -9.94
N GLU D 15 -3.24 10.96 -10.39
CA GLU D 15 -4.59 10.44 -10.14
C GLU D 15 -4.77 9.04 -10.71
N HIS D 16 -4.00 8.68 -11.73
CA HIS D 16 -4.05 7.37 -12.34
C HIS D 16 -2.84 6.52 -11.97
N LYS D 17 -2.16 6.88 -10.89
CA LYS D 17 -0.95 6.18 -10.46
C LYS D 17 -0.02 6.01 -11.66
N SER D 18 0.14 7.07 -12.44
CA SER D 18 1.00 7.02 -13.60
C SER D 18 2.08 8.10 -13.50
N GLN D 19 2.98 8.10 -14.48
CA GLN D 19 4.04 9.07 -14.58
C GLN D 19 4.23 9.39 -16.05
N GLY D 20 4.47 10.65 -16.35
CA GLY D 20 4.65 11.06 -17.72
C GLY D 20 4.95 12.54 -17.79
N VAL D 21 4.96 13.05 -19.02
CA VAL D 21 5.26 14.46 -19.27
C VAL D 21 4.27 14.98 -20.30
N VAL D 22 3.82 16.21 -20.11
CA VAL D 22 3.10 16.98 -21.14
C VAL D 22 3.96 18.20 -21.44
N VAL D 23 4.20 18.46 -22.73
CA VAL D 23 4.94 19.63 -23.16
C VAL D 23 4.03 20.44 -24.08
N LEU D 24 3.87 21.72 -23.77
CA LEU D 24 3.09 22.64 -24.57
C LEU D 24 3.97 23.78 -25.06
N TRP D 25 3.71 24.25 -26.28
CA TRP D 25 4.42 25.38 -26.86
C TRP D 25 3.43 26.37 -27.46
N ASN D 26 3.46 27.59 -26.96
CA ASN D 26 2.66 28.70 -27.46
C ASN D 26 3.39 29.34 -28.63
N GLU D 27 2.86 29.13 -29.85
CA GLU D 27 3.56 29.60 -31.05
C GLU D 27 3.63 31.11 -31.09
N ASN D 28 2.53 31.80 -30.76
CA ASN D 28 2.55 33.25 -30.85
C ASN D 28 3.61 33.84 -29.94
N LYS D 29 3.70 33.33 -28.71
CA LYS D 29 4.58 33.89 -27.69
C LYS D 29 5.97 33.26 -27.65
N GLN D 30 6.21 32.19 -28.39
CA GLN D 30 7.49 31.50 -28.40
C GLN D 30 7.90 31.12 -26.98
N GLN D 31 6.97 30.51 -26.27
CA GLN D 31 7.18 30.08 -24.89
C GLN D 31 6.68 28.66 -24.71
N GLY D 32 7.41 27.90 -23.91
CA GLY D 32 7.08 26.52 -23.63
C GLY D 32 6.73 26.31 -22.17
N PHE D 33 5.95 25.26 -21.92
CA PHE D 33 5.44 24.89 -20.60
C PHE D 33 5.43 23.39 -20.48
N THR D 34 5.82 22.88 -19.31
CA THR D 34 5.80 21.44 -19.07
C THR D 34 5.72 21.20 -17.57
N ASN D 35 5.26 20.00 -17.22
CA ASN D 35 5.27 19.60 -15.82
C ASN D 35 6.60 19.02 -15.36
N ASN D 36 7.51 18.69 -16.27
CA ASN D 36 8.75 17.99 -15.92
C ASN D 36 9.78 18.32 -17.00
N LEU D 37 10.61 19.31 -16.72
CA LEU D 37 11.63 19.76 -17.66
C LEU D 37 12.57 18.63 -18.05
N LYS D 38 12.92 17.79 -17.08
CA LYS D 38 13.83 16.69 -17.34
C LYS D 38 13.23 15.68 -18.31
N ARG D 39 12.03 15.16 -18.01
CA ARG D 39 11.45 14.16 -18.91
C ARG D 39 11.05 14.76 -20.24
N ALA D 40 10.75 16.05 -20.28
CA ALA D 40 10.47 16.71 -21.54
C ALA D 40 11.61 16.56 -22.52
N ASN D 41 12.83 16.41 -22.01
CA ASN D 41 14.04 16.25 -22.83
C ASN D 41 14.57 14.83 -22.80
N GLN D 42 13.81 13.89 -22.27
CA GLN D 42 14.24 12.50 -22.31
C GLN D 42 13.82 11.85 -23.63
N ALA D 43 14.77 11.20 -24.29
CA ALA D 43 14.58 10.66 -25.62
C ALA D 43 14.17 9.19 -25.53
N PHE D 44 13.08 8.85 -26.19
CA PHE D 44 12.51 7.50 -26.23
C PHE D 44 12.36 7.03 -27.68
N LEU D 45 12.10 5.74 -27.84
CA LEU D 45 11.65 5.27 -29.13
C LEU D 45 10.39 6.03 -29.54
N PRO D 46 10.27 6.46 -30.80
CA PRO D 46 9.06 7.19 -31.23
C PRO D 46 7.84 6.31 -31.46
N ALA D 47 8.04 5.02 -31.76
CA ALA D 47 6.98 4.05 -32.12
C ALA D 47 6.14 4.68 -33.22
N SER D 48 4.81 4.62 -33.15
CA SER D 48 4.00 5.01 -34.29
C SER D 48 3.96 6.52 -34.53
N THR D 49 4.50 7.36 -33.63
CA THR D 49 4.65 8.76 -33.99
C THR D 49 5.62 8.92 -35.16
N PHE D 50 6.41 7.88 -35.45
CA PHE D 50 7.32 7.88 -36.59
C PHE D 50 6.57 7.81 -37.92
N KCX D 51 5.27 7.51 -37.92
CA KCX D 51 4.51 7.49 -39.14
CB KCX D 51 3.11 6.91 -38.90
CG KCX D 51 3.15 5.39 -38.66
CD KCX D 51 1.78 4.73 -38.55
CE KCX D 51 1.94 3.20 -38.44
NZ KCX D 51 2.65 2.75 -37.18
C KCX D 51 4.44 8.89 -39.76
O KCX D 51 4.21 9.01 -40.97
CX KCX D 51 3.92 2.36 -37.12
OQ1 KCX D 51 4.41 2.02 -36.01
OQ2 KCX D 51 4.62 2.32 -38.14
H KCX D 51 4.83 7.31 -37.20
HA KCX D 51 4.97 6.91 -39.78
HB2 KCX D 51 2.72 7.32 -38.11
HG2 KCX D 51 3.65 5.21 -37.85
HD2 KCX D 51 1.35 5.05 -37.74
HE2 KCX D 51 1.06 2.79 -38.44
N ILE D 52 4.69 9.95 -38.97
CA ILE D 52 4.68 11.28 -39.55
C ILE D 52 5.87 11.44 -40.48
N PRO D 53 7.11 11.32 -39.98
CA PRO D 53 8.25 11.43 -40.91
C PRO D 53 8.28 10.37 -41.98
N ASN D 54 7.88 9.14 -41.64
CA ASN D 54 7.85 8.07 -42.62
C ASN D 54 6.87 8.40 -43.76
N SER D 55 5.70 8.96 -43.45
CA SER D 55 4.75 9.36 -44.48
C SER D 55 5.32 10.45 -45.39
N LEU D 56 5.96 11.46 -44.79
CA LEU D 56 6.57 12.54 -45.56
C LEU D 56 7.59 12.00 -46.55
N ILE D 57 8.45 11.09 -46.08
CA ILE D 57 9.50 10.54 -46.93
C ILE D 57 8.91 9.72 -48.06
N ALA D 58 7.95 8.85 -47.75
CA ALA D 58 7.34 8.01 -48.79
C ALA D 58 6.68 8.85 -49.87
N LEU D 59 5.99 9.92 -49.47
CA LEU D 59 5.34 10.81 -50.43
C LEU D 59 6.38 11.53 -51.28
N ASP D 60 7.43 12.07 -50.66
CA ASP D 60 8.35 12.90 -51.43
C ASP D 60 9.14 12.06 -52.42
N LEU D 61 9.37 10.79 -52.10
CA LEU D 61 10.06 9.86 -52.98
C LEU D 61 9.12 9.18 -53.99
N GLY D 62 7.81 9.38 -53.89
CA GLY D 62 6.89 8.71 -54.79
C GLY D 62 6.55 7.28 -54.43
N VAL D 63 7.02 6.78 -53.28
CA VAL D 63 6.58 5.48 -52.79
C VAL D 63 5.07 5.48 -52.61
N VAL D 64 4.53 6.59 -52.12
CA VAL D 64 3.10 6.83 -52.05
C VAL D 64 2.77 7.94 -53.03
N LYS D 65 1.80 7.66 -53.91
CA LYS D 65 1.46 8.59 -54.99
C LYS D 65 0.62 9.75 -54.45
N ASP D 66 -0.39 9.43 -53.65
CA ASP D 66 -1.26 10.41 -53.03
C ASP D 66 -2.01 9.73 -51.90
N GLU D 67 -2.93 10.48 -51.29
CA GLU D 67 -3.65 9.98 -50.13
C GLU D 67 -4.78 9.00 -50.48
N HIS D 68 -5.02 8.74 -51.77
CA HIS D 68 -6.03 7.78 -52.22
C HIS D 68 -5.45 6.42 -52.62
N GLN D 69 -4.15 6.33 -52.86
CA GLN D 69 -3.56 5.08 -53.30
C GLN D 69 -3.86 3.97 -52.29
N VAL D 70 -4.33 2.83 -52.78
N VAL D 70 -4.32 2.83 -52.79
CA VAL D 70 -4.73 1.73 -51.92
CA VAL D 70 -4.72 1.72 -51.93
C VAL D 70 -3.55 0.77 -51.75
C VAL D 70 -3.54 0.77 -51.75
N PHE D 71 -3.25 0.43 -50.50
CA PHE D 71 -2.25 -0.57 -50.16
C PHE D 71 -3.02 -1.80 -49.67
N LYS D 72 -3.03 -2.84 -50.48
CA LYS D 72 -3.85 -4.01 -50.19
C LYS D 72 -3.32 -4.83 -49.02
N TRP D 73 -4.27 -5.35 -48.24
CA TRP D 73 -3.93 -6.29 -47.18
C TRP D 73 -3.16 -7.46 -47.77
N ASP D 74 -2.08 -7.85 -47.12
CA ASP D 74 -1.26 -8.96 -47.62
C ASP D 74 -1.84 -10.33 -47.29
N GLY D 75 -3.02 -10.40 -46.66
CA GLY D 75 -3.66 -11.66 -46.36
C GLY D 75 -3.19 -12.37 -45.11
N GLN D 76 -2.26 -11.77 -44.36
CA GLN D 76 -1.83 -12.31 -43.07
C GLN D 76 -2.73 -11.76 -41.98
N THR D 77 -3.43 -12.64 -41.29
CA THR D 77 -4.29 -12.20 -40.19
C THR D 77 -3.44 -11.84 -38.98
N ARG D 78 -3.55 -10.59 -38.55
CA ARG D 78 -2.82 -10.07 -37.41
C ARG D 78 -3.79 -9.79 -36.27
N ASP D 79 -3.23 -9.46 -35.10
CA ASP D 79 -4.01 -9.40 -33.87
C ASP D 79 -4.90 -8.17 -33.77
N ILE D 80 -4.67 -7.17 -34.60
CA ILE D 80 -5.48 -5.96 -34.60
C ILE D 80 -6.37 -5.98 -35.83
N ALA D 81 -7.68 -6.13 -35.59
CA ALA D 81 -8.61 -6.42 -36.67
C ALA D 81 -8.57 -5.37 -37.77
N THR D 82 -8.45 -4.09 -37.41
CA THR D 82 -8.47 -3.02 -38.40
C THR D 82 -7.27 -3.09 -39.34
N TRP D 83 -6.24 -3.86 -39.00
CA TRP D 83 -5.10 -4.00 -39.89
C TRP D 83 -5.35 -4.99 -41.01
N ASN D 84 -6.35 -5.86 -40.87
CA ASN D 84 -6.59 -6.94 -41.81
C ASN D 84 -7.57 -6.50 -42.90
N ARG D 85 -7.20 -5.42 -43.58
CA ARG D 85 -8.03 -4.87 -44.64
C ARG D 85 -7.17 -3.93 -45.47
N ASP D 86 -7.71 -3.51 -46.61
CA ASP D 86 -7.06 -2.52 -47.46
C ASP D 86 -7.07 -1.15 -46.79
N HIS D 87 -6.06 -0.35 -47.08
CA HIS D 87 -5.90 0.99 -46.50
C HIS D 87 -5.41 1.96 -47.54
N ASN D 88 -5.66 3.25 -47.29
CA ASN D 88 -4.91 4.32 -47.93
C ASN D 88 -4.12 5.06 -46.85
N LEU D 89 -3.46 6.14 -47.25
CA LEU D 89 -2.61 6.86 -46.30
C LEU D 89 -3.42 7.39 -45.12
N ILE D 90 -4.63 7.88 -45.39
CA ILE D 90 -5.49 8.42 -44.33
C ILE D 90 -5.84 7.34 -43.33
N THR D 91 -6.37 6.21 -43.81
CA THR D 91 -6.79 5.15 -42.89
C THR D 91 -5.58 4.45 -42.28
N ALA D 92 -4.47 4.37 -43.00
CA ALA D 92 -3.28 3.77 -42.39
C ALA D 92 -2.80 4.55 -41.18
N MET D 93 -2.87 5.89 -41.22
N MET D 93 -2.84 5.89 -41.26
CA MET D 93 -2.47 6.67 -40.07
CA MET D 93 -2.51 6.73 -40.12
C MET D 93 -3.53 6.63 -38.98
C MET D 93 -3.52 6.57 -38.99
N LYS D 94 -4.81 6.64 -39.35
CA LYS D 94 -5.89 6.61 -38.37
C LYS D 94 -5.82 5.37 -37.49
N TYR D 95 -5.59 4.21 -38.10
CA TYR D 95 -5.55 2.94 -37.39
C TYR D 95 -4.13 2.47 -37.09
N SER D 96 -3.14 3.32 -37.35
CA SER D 96 -1.74 3.05 -37.01
C SER D 96 -1.30 1.68 -37.54
N VAL D 97 -1.41 1.51 -38.86
CA VAL D 97 -1.28 0.19 -39.51
C VAL D 97 0.21 -0.05 -39.74
N VAL D 98 0.87 -0.67 -38.74
CA VAL D 98 2.33 -0.92 -38.83
C VAL D 98 2.73 -1.61 -40.15
N PRO D 99 2.10 -2.70 -40.56
CA PRO D 99 2.60 -3.42 -41.75
C PRO D 99 2.59 -2.60 -43.04
N VAL D 100 1.69 -1.63 -43.19
CA VAL D 100 1.73 -0.77 -44.37
C VAL D 100 2.98 0.10 -44.34
N TYR D 101 3.31 0.64 -43.17
CA TYR D 101 4.46 1.53 -43.06
C TYR D 101 5.78 0.77 -43.09
N GLN D 102 5.79 -0.51 -42.70
CA GLN D 102 6.97 -1.34 -42.89
C GLN D 102 7.26 -1.55 -44.37
N GLU D 103 6.22 -1.74 -45.17
CA GLU D 103 6.43 -1.82 -46.61
C GLU D 103 6.93 -0.49 -47.17
N PHE D 104 6.42 0.65 -46.68
CA PHE D 104 6.98 1.94 -47.08
C PHE D 104 8.48 1.98 -46.82
N ALA D 105 8.88 1.62 -45.59
CA ALA D 105 10.28 1.73 -45.18
C ALA D 105 11.19 0.85 -46.02
N ARG D 106 10.76 -0.36 -46.34
CA ARG D 106 11.57 -1.22 -47.19
C ARG D 106 11.77 -0.59 -48.56
N GLN D 107 10.75 0.08 -49.09
CA GLN D 107 10.91 0.70 -50.40
C GLN D 107 11.75 1.96 -50.31
N ILE D 108 11.65 2.71 -49.22
CA ILE D 108 12.53 3.86 -49.01
C ILE D 108 13.98 3.39 -48.96
N GLY D 109 14.27 2.39 -48.15
CA GLY D 109 15.61 1.86 -48.04
C GLY D 109 16.45 2.62 -47.02
N GLU D 110 17.49 1.92 -46.52
CA GLU D 110 18.30 2.45 -45.42
C GLU D 110 18.93 3.79 -45.77
N ALA D 111 19.57 3.87 -46.95
CA ALA D 111 20.35 5.06 -47.28
C ALA D 111 19.47 6.30 -47.35
N ARG D 112 18.34 6.22 -48.07
CA ARG D 112 17.47 7.39 -48.18
C ARG D 112 16.78 7.72 -46.86
N MET D 113 16.43 6.69 -46.07
CA MET D 113 15.82 6.94 -44.76
C MET D 113 16.78 7.72 -43.86
N SER D 114 18.04 7.28 -43.80
CA SER D 114 19.03 7.95 -42.97
C SER D 114 19.23 9.40 -43.41
N LYS D 115 19.40 9.61 -44.72
CA LYS D 115 19.64 10.97 -45.23
C LYS D 115 18.46 11.89 -44.94
N MET D 116 17.24 11.38 -45.06
N MET D 116 17.24 11.38 -45.03
CA MET D 116 16.05 12.19 -44.81
CA MET D 116 16.08 12.24 -44.80
C MET D 116 15.98 12.59 -43.34
C MET D 116 15.91 12.58 -43.33
N LEU D 117 16.23 11.65 -42.43
CA LEU D 117 16.10 11.95 -41.02
C LEU D 117 17.17 12.93 -40.57
N HIS D 118 18.38 12.83 -41.14
CA HIS D 118 19.37 13.87 -40.90
C HIS D 118 18.87 15.18 -41.46
N ALA D 119 18.24 15.14 -42.62
CA ALA D 119 17.71 16.35 -43.19
C ALA D 119 16.65 16.96 -42.29
N PHE D 120 15.84 16.13 -41.63
CA PHE D 120 14.79 16.59 -40.72
C PHE D 120 15.32 17.00 -39.36
N ASP D 121 16.59 16.72 -39.03
CA ASP D 121 17.12 16.98 -37.70
C ASP D 121 16.33 16.20 -36.66
N TYR D 122 15.93 14.99 -37.02
CA TYR D 122 14.93 14.24 -36.26
C TYR D 122 15.59 13.43 -35.16
N GLY D 123 15.34 13.80 -33.91
CA GLY D 123 15.84 13.02 -32.79
C GLY D 123 17.33 12.83 -32.86
N ASN D 124 17.77 11.60 -32.54
CA ASN D 124 19.20 11.27 -32.61
C ASN D 124 19.63 10.81 -34.00
N GLU D 125 18.72 10.79 -34.97
CA GLU D 125 19.05 10.52 -36.37
C GLU D 125 19.69 9.15 -36.58
N ASP D 126 19.42 8.18 -35.70
CA ASP D 126 20.07 6.86 -35.71
C ASP D 126 19.05 5.80 -36.09
N ILE D 127 19.21 5.20 -37.27
CA ILE D 127 18.25 4.21 -37.76
C ILE D 127 18.77 2.79 -37.57
N SER D 128 19.80 2.60 -36.74
CA SER D 128 20.37 1.29 -36.53
C SER D 128 19.28 0.27 -36.21
N GLY D 129 19.39 -0.91 -36.81
CA GLY D 129 18.37 -1.93 -36.71
C GLY D 129 17.79 -2.31 -38.05
N ASN D 130 16.64 -2.98 -38.05
CA ASN D 130 15.99 -3.33 -39.29
C ASN D 130 15.37 -2.07 -39.89
N VAL D 131 15.52 -1.91 -41.20
CA VAL D 131 14.99 -0.72 -41.86
C VAL D 131 13.49 -0.64 -41.70
N ASP D 132 12.83 -1.79 -41.52
CA ASP D 132 11.38 -1.83 -41.36
C ASP D 132 10.93 -2.00 -39.90
N SER D 133 11.81 -1.76 -38.92
CA SER D 133 11.33 -1.80 -37.55
C SER D 133 12.13 -0.94 -36.56
N PHE D 134 13.06 -0.11 -37.02
CA PHE D 134 13.98 0.57 -36.10
C PHE D 134 13.25 1.57 -35.20
N TRP D 135 12.11 2.10 -35.63
CA TRP D 135 11.34 3.04 -34.81
C TRP D 135 10.54 2.33 -33.72
N LEU D 136 10.51 1.00 -33.75
CA LEU D 136 9.87 0.16 -32.75
C LEU D 136 10.85 -0.59 -31.86
N ASP D 137 12.01 -1.03 -32.40
CA ASP D 137 12.97 -1.77 -31.58
C ASP D 137 14.41 -1.55 -32.01
N GLY D 138 14.70 -0.46 -32.69
CA GLY D 138 16.03 -0.05 -33.11
C GLY D 138 16.62 1.06 -32.26
N GLY D 139 17.53 1.82 -32.86
CA GLY D 139 18.33 2.78 -32.14
C GLY D 139 17.85 4.20 -32.13
N ILE D 140 16.75 4.50 -32.81
CA ILE D 140 16.31 5.89 -32.94
C ILE D 140 15.62 6.32 -31.65
N ARG D 141 15.88 7.57 -31.25
CA ARG D 141 15.34 8.12 -30.02
C ARG D 141 15.00 9.59 -30.26
N ILE D 142 13.92 10.04 -29.64
CA ILE D 142 13.47 11.44 -29.78
C ILE D 142 12.77 11.84 -28.50
N SER D 143 12.97 13.09 -28.07
CA SER D 143 12.32 13.63 -26.89
C SER D 143 11.05 14.38 -27.26
N ALA D 144 10.26 14.67 -26.23
CA ALA D 144 9.03 15.45 -26.42
C ALA D 144 9.33 16.83 -26.99
N THR D 145 10.37 17.49 -26.48
CA THR D 145 10.69 18.81 -27.03
C THR D 145 11.18 18.71 -28.46
N GLU D 146 11.91 17.64 -28.80
CA GLU D 146 12.35 17.43 -30.17
C GLU D 146 11.18 17.12 -31.10
N GLN D 147 10.14 16.43 -30.60
CA GLN D 147 8.91 16.23 -31.38
C GLN D 147 8.28 17.57 -31.72
N ILE D 148 8.19 18.47 -30.74
CA ILE D 148 7.62 19.79 -31.00
C ILE D 148 8.45 20.53 -32.04
N SER D 149 9.78 20.49 -31.91
N SER D 149 9.78 20.49 -31.91
CA SER D 149 10.64 21.19 -32.86
CA SER D 149 10.63 21.20 -32.87
C SER D 149 10.39 20.68 -34.27
C SER D 149 10.39 20.69 -34.28
N PHE D 150 10.28 19.38 -34.44
CA PHE D 150 9.99 18.79 -35.75
C PHE D 150 8.59 19.17 -36.25
N LEU D 151 7.58 19.13 -35.37
CA LEU D 151 6.21 19.46 -35.77
C LEU D 151 6.06 20.92 -36.20
N ARG D 152 6.79 21.82 -35.54
CA ARG D 152 6.73 23.23 -35.91
C ARG D 152 7.22 23.44 -37.34
N LYS D 153 8.29 22.75 -37.71
CA LYS D 153 8.77 22.84 -39.09
C LYS D 153 7.69 22.33 -40.03
N LEU D 154 7.07 21.20 -39.69
CA LEU D 154 6.01 20.67 -40.53
C LEU D 154 4.85 21.65 -40.65
N TYR D 155 4.40 22.21 -39.53
CA TYR D 155 3.29 23.17 -39.56
C TYR D 155 3.58 24.32 -40.51
N HIS D 156 4.82 24.82 -40.50
CA HIS D 156 5.21 25.95 -41.32
C HIS D 156 5.73 25.55 -42.70
N ASN D 157 5.61 24.27 -43.07
CA ASN D 157 6.07 23.76 -44.35
C ASN D 157 7.57 24.00 -44.55
N LYS D 158 8.33 23.92 -43.46
CA LYS D 158 9.76 24.20 -43.48
C LYS D 158 10.63 22.94 -43.52
N LEU D 159 10.04 21.74 -43.51
CA LEU D 159 10.87 20.56 -43.66
C LEU D 159 11.34 20.46 -45.10
N HIS D 160 12.46 19.75 -45.30
CA HIS D 160 13.05 19.68 -46.63
C HIS D 160 12.48 18.52 -47.45
N VAL D 161 11.17 18.61 -47.63
CA VAL D 161 10.40 17.89 -48.62
C VAL D 161 9.46 18.91 -49.23
N SER D 162 8.71 18.51 -50.25
CA SER D 162 7.87 19.49 -50.95
C SER D 162 6.73 19.97 -50.06
N GLU D 163 6.21 21.15 -50.40
CA GLU D 163 5.02 21.66 -49.73
C GLU D 163 3.86 20.67 -49.87
N ARG D 164 3.72 20.06 -51.06
CA ARG D 164 2.64 19.11 -51.27
C ARG D 164 2.74 17.95 -50.28
N SER D 165 3.94 17.38 -50.13
CA SER D 165 4.08 16.26 -49.20
C SER D 165 3.69 16.66 -47.78
N GLN D 166 4.09 17.87 -47.36
CA GLN D 166 3.77 18.31 -46.01
C GLN D 166 2.27 18.56 -45.85
N ARG D 167 1.62 19.13 -46.86
CA ARG D 167 0.17 19.33 -46.77
C ARG D 167 -0.56 18.00 -46.67
N ILE D 168 -0.13 17.00 -47.46
CA ILE D 168 -0.84 15.72 -47.43
C ILE D 168 -0.71 15.07 -46.06
N VAL D 169 0.48 15.10 -45.47
CA VAL D 169 0.65 14.48 -44.16
C VAL D 169 -0.18 15.22 -43.09
N LYS D 170 -0.25 16.55 -43.15
CA LYS D 170 -1.07 17.26 -42.17
C LYS D 170 -2.56 16.95 -42.34
N GLN D 171 -3.01 16.72 -43.58
CA GLN D 171 -4.36 16.20 -43.76
C GLN D 171 -4.51 14.84 -43.09
N ALA D 172 -3.56 13.94 -43.32
CA ALA D 172 -3.64 12.60 -42.73
C ALA D 172 -3.55 12.62 -41.19
N MET D 173 -2.97 13.67 -40.61
CA MET D 173 -2.90 13.81 -39.16
C MET D 173 -4.21 14.32 -38.54
N LEU D 174 -5.18 14.71 -39.36
CA LEU D 174 -6.41 15.27 -38.81
C LEU D 174 -7.07 14.29 -37.84
N THR D 175 -7.27 14.74 -36.60
CA THR D 175 -7.81 13.89 -35.54
C THR D 175 -9.17 14.35 -35.07
N GLU D 176 -9.35 15.65 -34.85
CA GLU D 176 -10.58 16.17 -34.31
C GLU D 176 -10.78 17.60 -34.80
N ALA D 177 -12.02 17.94 -35.10
CA ALA D 177 -12.33 19.30 -35.49
C ALA D 177 -13.76 19.63 -35.08
N ASN D 178 -13.93 20.83 -34.52
CA ASN D 178 -15.24 21.34 -34.15
C ASN D 178 -15.18 22.86 -34.26
N GLY D 179 -16.23 23.51 -33.77
CA GLY D 179 -16.31 24.96 -33.86
C GLY D 179 -15.30 25.69 -33.00
N ASP D 180 -14.62 24.99 -32.10
CA ASP D 180 -13.70 25.61 -31.16
C ASP D 180 -12.24 25.38 -31.47
N TYR D 181 -11.89 24.25 -32.08
CA TYR D 181 -10.48 23.96 -32.35
C TYR D 181 -10.37 22.82 -33.34
N ILE D 182 -9.17 22.67 -33.88
CA ILE D 182 -8.77 21.54 -34.71
C ILE D 182 -7.52 20.93 -34.09
N ILE D 183 -7.48 19.59 -34.00
CA ILE D 183 -6.28 18.88 -33.55
C ILE D 183 -5.74 18.05 -34.70
N ARG D 184 -4.47 18.24 -35.01
CA ARG D 184 -3.74 17.35 -35.91
C ARG D 184 -2.66 16.69 -35.07
N ALA D 185 -2.61 15.36 -35.07
CA ALA D 185 -1.81 14.65 -34.09
C ALA D 185 -1.60 13.20 -34.51
N LYS D 186 -0.71 12.52 -33.78
CA LYS D 186 -0.46 11.09 -33.98
C LYS D 186 -0.14 10.43 -32.64
N THR D 187 -0.77 9.28 -32.41
CA THR D 187 -0.50 8.47 -31.23
C THR D 187 0.70 7.55 -31.45
N GLY D 188 1.26 7.10 -30.35
CA GLY D 188 2.32 6.10 -30.39
C GLY D 188 2.22 5.20 -29.18
N TYR D 189 2.70 3.98 -29.35
CA TYR D 189 2.66 2.99 -28.28
C TYR D 189 3.90 2.11 -28.44
N SER D 190 4.87 2.29 -27.55
CA SER D 190 6.14 1.56 -27.62
C SER D 190 6.13 0.42 -26.62
N THR D 191 6.17 -0.82 -27.12
CA THR D 191 6.10 -2.01 -26.29
C THR D 191 7.26 -2.97 -26.48
N ARG D 192 8.07 -2.83 -27.52
CA ARG D 192 9.06 -3.86 -27.81
C ARG D 192 10.30 -3.76 -26.92
N ILE D 193 10.63 -2.56 -26.43
CA ILE D 193 11.80 -2.32 -25.61
C ILE D 193 11.38 -1.50 -24.40
N GLU D 194 11.85 -1.88 -23.21
CA GLU D 194 11.48 -1.13 -22.02
C GLU D 194 12.15 0.25 -22.04
N PRO D 195 11.51 1.27 -21.44
CA PRO D 195 10.21 1.23 -20.79
C PRO D 195 9.04 1.34 -21.78
N LYS D 196 7.96 0.61 -21.52
CA LYS D 196 6.77 0.73 -22.33
C LYS D 196 6.14 2.10 -22.09
N ILE D 197 5.86 2.83 -23.16
CA ILE D 197 5.30 4.17 -23.04
C ILE D 197 4.27 4.39 -24.12
N GLY D 198 3.41 5.39 -23.88
CA GLY D 198 2.51 5.91 -24.88
C GLY D 198 2.90 7.34 -25.22
N TRP D 199 2.63 7.73 -26.46
CA TRP D 199 2.90 9.05 -27.00
C TRP D 199 1.60 9.67 -27.53
N TRP D 200 1.52 10.99 -27.49
CA TRP D 200 0.61 11.75 -28.34
C TRP D 200 1.28 13.06 -28.70
N VAL D 201 1.44 13.34 -29.99
CA VAL D 201 2.17 14.52 -30.43
C VAL D 201 1.38 15.19 -31.54
N GLY D 202 1.38 16.52 -31.55
CA GLY D 202 0.65 17.26 -32.58
C GLY D 202 0.48 18.70 -32.15
N TRP D 203 -0.65 19.27 -32.58
CA TRP D 203 -0.96 20.64 -32.22
C TRP D 203 -2.46 20.90 -32.24
N VAL D 204 -2.83 21.97 -31.53
CA VAL D 204 -4.18 22.50 -31.47
C VAL D 204 -4.19 23.81 -32.25
N GLU D 205 -5.00 23.87 -33.31
CA GLU D 205 -5.22 25.10 -34.07
C GLU D 205 -6.40 25.87 -33.49
N LEU D 206 -6.16 27.12 -33.11
CA LEU D 206 -7.21 28.05 -32.68
C LEU D 206 -7.34 29.17 -33.71
N ASP D 207 -8.35 30.02 -33.51
CA ASP D 207 -8.58 31.12 -34.46
C ASP D 207 -7.33 31.98 -34.66
N ASP D 208 -6.62 32.30 -33.58
CA ASP D 208 -5.52 33.26 -33.64
C ASP D 208 -4.23 32.76 -33.01
N ASN D 209 -4.07 31.45 -32.82
CA ASN D 209 -2.85 30.91 -32.24
C ASN D 209 -2.80 29.42 -32.53
N VAL D 210 -1.64 28.81 -32.29
N VAL D 210 -1.63 28.83 -32.31
CA VAL D 210 -1.50 27.37 -32.38
CA VAL D 210 -1.43 27.39 -32.39
C VAL D 210 -0.67 26.90 -31.20
C VAL D 210 -0.68 26.94 -31.14
N TRP D 211 -1.18 25.89 -30.48
CA TRP D 211 -0.50 25.29 -29.34
C TRP D 211 0.01 23.91 -29.76
N PHE D 212 1.34 23.78 -29.86
CA PHE D 212 1.95 22.49 -30.13
C PHE D 212 2.06 21.69 -28.84
N PHE D 213 1.94 20.36 -28.96
CA PHE D 213 2.03 19.52 -27.78
C PHE D 213 2.75 18.23 -28.10
N ALA D 214 3.42 17.70 -27.07
CA ALA D 214 3.99 16.37 -27.10
C ALA D 214 3.95 15.81 -25.70
N MET D 215 3.37 14.63 -25.56
CA MET D 215 3.28 13.98 -24.25
C MET D 215 3.70 12.53 -24.39
N ASN D 216 4.34 12.01 -23.34
CA ASN D 216 4.51 10.57 -23.21
C ASN D 216 4.29 10.18 -21.75
N MET D 217 3.96 8.90 -21.56
CA MET D 217 3.64 8.41 -20.22
C MET D 217 3.94 6.91 -20.15
N ASP D 218 4.30 6.45 -18.95
CA ASP D 218 4.48 5.02 -18.74
C ASP D 218 3.17 4.28 -19.02
N MET D 219 3.30 3.14 -19.67
CA MET D 219 2.16 2.39 -20.20
C MET D 219 2.43 0.90 -19.99
N PRO D 220 2.36 0.42 -18.74
CA PRO D 220 2.60 -1.01 -18.50
C PRO D 220 1.61 -1.93 -19.19
N THR D 221 0.37 -1.50 -19.42
CA THR D 221 -0.61 -2.31 -20.13
C THR D 221 -1.36 -1.45 -21.13
N SER D 222 -2.03 -2.12 -22.08
CA SER D 222 -2.80 -1.40 -23.09
C SER D 222 -4.07 -0.80 -22.53
N ASP D 223 -4.44 -1.13 -21.28
CA ASP D 223 -5.68 -0.62 -20.70
C ASP D 223 -5.65 0.90 -20.54
N GLY D 224 -4.47 1.49 -20.42
CA GLY D 224 -4.38 2.92 -20.15
C GLY D 224 -4.20 3.78 -21.38
N LEU D 225 -4.38 3.23 -22.58
CA LEU D 225 -4.04 3.97 -23.78
C LEU D 225 -4.89 5.22 -23.95
N GLY D 226 -6.14 5.19 -23.50
CA GLY D 226 -7.00 6.37 -23.59
C GLY D 226 -6.51 7.54 -22.77
N LEU D 227 -5.63 7.31 -21.81
CA LEU D 227 -5.12 8.40 -20.99
C LEU D 227 -4.20 9.34 -21.78
N ARG D 228 -3.61 8.86 -22.89
CA ARG D 228 -2.74 9.73 -23.68
C ARG D 228 -3.47 11.00 -24.09
N GLN D 229 -4.65 10.84 -24.67
CA GLN D 229 -5.46 11.99 -25.08
C GLN D 229 -6.18 12.62 -23.88
N ALA D 230 -6.66 11.79 -22.94
CA ALA D 230 -7.45 12.32 -21.83
C ALA D 230 -6.61 13.23 -20.92
N ILE D 231 -5.40 12.81 -20.57
CA ILE D 231 -4.55 13.65 -19.73
C ILE D 231 -4.17 14.93 -20.46
N THR D 232 -3.80 14.81 -21.74
CA THR D 232 -3.45 16.01 -22.50
C THR D 232 -4.60 16.99 -22.53
N LYS D 233 -5.83 16.50 -22.74
CA LYS D 233 -6.98 17.40 -22.82
C LYS D 233 -7.30 18.02 -21.46
N GLU D 234 -7.03 17.30 -20.37
CA GLU D 234 -7.20 17.90 -19.06
C GLU D 234 -6.22 19.05 -18.82
N VAL D 235 -4.99 18.93 -19.33
CA VAL D 235 -4.03 20.02 -19.25
C VAL D 235 -4.47 21.19 -20.12
N LEU D 236 -4.87 20.92 -21.36
CA LEU D 236 -5.32 21.98 -22.25
C LEU D 236 -6.49 22.74 -21.66
N LYS D 237 -7.42 22.01 -21.03
CA LYS D 237 -8.59 22.63 -20.41
C LYS D 237 -8.19 23.47 -19.20
N GLN D 238 -7.27 22.97 -18.38
CA GLN D 238 -6.79 23.72 -17.22
C GLN D 238 -6.13 25.02 -17.65
N GLU D 239 -5.39 24.99 -18.75
CA GLU D 239 -4.74 26.19 -19.25
C GLU D 239 -5.67 27.05 -20.10
N LYS D 240 -6.96 26.73 -20.16
CA LYS D 240 -7.95 27.53 -20.89
C LYS D 240 -7.64 27.60 -22.38
N ILE D 241 -6.97 26.57 -22.90
CA ILE D 241 -6.70 26.51 -24.33
C ILE D 241 -7.88 25.94 -25.09
N ILE D 242 -8.59 24.99 -24.51
CA ILE D 242 -9.83 24.48 -25.08
C ILE D 242 -10.88 24.52 -23.98
N PRO D 243 -12.17 24.55 -24.35
CA PRO D 243 -13.21 24.62 -23.32
C PRO D 243 -13.30 23.35 -22.46
C AUV E . 11.15 -17.97 3.39
O AUV E . 12.13 -18.26 4.11
C1 AUV E . 10.26 -16.85 3.86
O1 AUV E . 9.38 -13.12 7.05
C2 AUV E . 10.81 -15.63 4.24
O2 AUV E . 10.85 -18.54 2.31
C3 AUV E . 10.02 -14.58 4.67
C4 AUV E . 10.64 -13.28 5.04
C10 AUV E . 8.64 -14.77 4.72
C11 AUV E . 8.07 -15.97 4.35
C12 AUV E . 8.87 -17.01 3.92
C5 AUV E . 11.59 -12.71 4.19
C6 AUV E . 12.16 -11.49 4.48
C7 AUV E . 11.80 -10.81 5.63
C8 AUV E . 10.86 -11.35 6.48
C9 AUV E . 10.28 -12.58 6.20
H5 AUV E . 9.23 -12.50 7.82
H AUV E . 11.89 -15.52 4.19
H6 AUV E . 7.99 -13.96 5.06
H7 AUV E . 6.99 -16.11 4.39
H8 AUV E . 8.45 -17.97 3.62
H1 AUV E . 11.87 -13.25 3.29
H2 AUV E . 12.90 -11.07 3.81
H3 AUV E . 12.25 -9.84 5.86
H4 AUV E . 10.57 -10.81 7.39
CL CL F . 3.12 -37.32 1.67
C1 EDO G . -3.35 -31.68 -0.09
O1 EDO G . -4.46 -31.67 0.83
C2 EDO G . -3.46 -30.51 -1.07
O2 EDO G . -4.54 -30.75 -1.99
H11 EDO G . -2.43 -31.60 0.48
H12 EDO G . -3.34 -32.62 -0.63
HO1 EDO G . -4.38 -32.42 1.44
H21 EDO G . -3.63 -29.59 -0.53
H22 EDO G . -2.52 -30.42 -1.62
HO2 EDO G . -4.59 -30.00 -2.61
C1 EDO H . 0.85 -9.76 17.96
O1 EDO H . -0.21 -9.17 18.70
C2 EDO H . 1.92 -10.17 18.97
O2 EDO H . 2.99 -10.86 18.30
H11 EDO H . 0.50 -10.63 17.41
H12 EDO H . 1.27 -9.04 17.24
HO1 EDO H . -0.91 -8.89 18.08
H21 EDO H . 2.31 -9.28 19.46
H22 EDO H . 1.48 -10.81 19.72
HO2 EDO H . 3.66 -11.12 18.95
C AUV I . 16.33 6.38 15.90
O AUV I . 16.72 7.22 16.75
C1 AUV I . 16.57 4.92 16.17
O1 AUV I . 15.35 0.13 15.35
C2 AUV I . 16.48 4.00 15.14
O2 AUV I . 15.79 6.68 14.81
C3 AUV I . 16.72 2.64 15.35
C4 AUV I . 16.73 1.70 14.21
C10 AUV I . 17.01 2.21 16.64
C11 AUV I . 17.10 3.12 17.69
C12 AUV I . 16.89 4.47 17.46
C5 AUV I . 17.45 2.03 13.05
C6 AUV I . 17.48 1.17 11.96
C7 AUV I . 16.80 -0.04 12.01
C8 AUV I . 16.08 -0.39 13.13
C9 AUV I . 16.04 0.47 14.23
H5 AUV I . 14.92 -0.75 15.21
H AUV I . 16.22 4.36 14.14
H6 AUV I . 17.17 1.15 16.83
H7 AUV I . 17.34 2.77 18.69
H8 AUV I . 16.96 5.19 18.27
H1 AUV I . 17.99 2.97 13.02
H2 AUV I . 18.05 1.44 11.07
H3 AUV I . 16.83 -0.72 11.15
H4 AUV I . 15.55 -1.33 13.17
CL CL J . 15.34 21.18 30.30
C1 EDO K . 6.01 11.82 42.29
O1 EDO K . 4.90 12.71 42.14
C2 EDO K . 6.30 11.16 40.94
O2 EDO K . 6.89 12.11 40.06
H11 EDO K . 6.88 12.36 42.62
H12 EDO K . 5.78 11.05 43.03
HO1 EDO K . 4.72 13.13 43.00
H21 EDO K . 6.98 10.31 41.08
H22 EDO K . 5.37 10.78 40.50
HO2 EDO K . 7.07 11.70 39.21
C1 EDO L . 23.32 13.96 27.25
O1 EDO L . 22.80 12.65 26.99
C2 EDO L . 23.93 14.54 25.98
O2 EDO L . 22.98 14.48 24.88
H11 EDO L . 24.07 13.91 28.03
H12 EDO L . 22.50 14.61 27.60
HO1 EDO L . 22.41 12.28 27.80
H21 EDO L . 24.21 15.58 26.15
H22 EDO L . 24.83 13.98 25.72
HO2 EDO L . 23.38 14.85 24.09
C1 EDO M . -5.58 20.74 19.19
O1 EDO M . -5.15 20.46 20.52
C2 EDO M . -6.09 19.45 18.56
O2 EDO M . -7.03 19.75 17.53
H11 EDO M . -6.38 21.48 19.22
H12 EDO M . -4.75 21.14 18.61
HO1 EDO M . -4.82 21.28 20.93
H21 EDO M . -5.24 18.90 18.14
H22 EDO M . -6.56 18.82 19.32
HO2 EDO M . -7.34 18.92 17.12
C1 EDO N . 17.44 -4.62 28.96
O1 EDO N . 18.83 -4.30 28.73
C2 EDO N . 16.89 -3.99 30.23
O2 EDO N . 17.75 -2.95 30.70
H11 EDO N . 16.85 -4.26 28.10
H12 EDO N . 17.33 -5.71 29.00
HO1 EDO N . 19.12 -4.71 27.91
H21 EDO N . 15.90 -3.59 30.04
H22 EDO N . 16.81 -4.77 31.00
HO2 EDO N . 17.39 -2.57 31.51
C AUV O . -29.56 -3.69 4.83
O AUV O . -28.85 -3.49 5.85
C1 AUV O . -29.56 -5.08 4.26
O1 AUV O . -26.59 -8.79 4.15
C2 AUV O . -29.15 -6.16 5.04
O2 AUV O . -30.26 -2.81 4.26
C3 AUV O . -29.08 -7.45 4.53
C4 AUV O . -28.62 -8.58 5.37
C10 AUV O . -29.46 -7.65 3.20
C11 AUV O . -29.89 -6.59 2.42
C12 AUV O . -29.94 -5.32 2.94
C5 AUV O . -29.42 -9.03 6.42
C6 AUV O . -29.02 -10.08 7.23
C7 AUV O . -27.80 -10.68 7.03
C8 AUV O . -26.97 -10.26 6.00
C9 AUV O . -27.38 -9.22 5.17
H5 AUV O . -25.75 -9.34 4.13
H AUV O . -28.86 -5.96 6.08
H6 AUV O . -29.41 -8.66 2.78
H7 AUV O . -30.19 -6.77 1.39
H8 AUV O . -30.27 -4.48 2.34
H1 AUV O . -30.39 -8.56 6.59
H2 AUV O . -29.67 -10.42 8.04
H3 AUV O . -27.47 -11.50 7.66
H4 AUV O . -26.01 -10.72 5.82
C1 EDO P . -22.15 -7.30 -17.50
O1 EDO P . -23.30 -7.11 -18.32
C2 EDO P . -22.34 -6.64 -16.14
O2 EDO P . -22.45 -5.23 -16.31
H11 EDO P . -21.95 -8.37 -17.36
H12 EDO P . -21.27 -6.87 -17.99
HO1 EDO P . -23.15 -7.54 -19.18
H21 EDO P . -23.25 -7.02 -15.66
H22 EDO P . -21.50 -6.86 -15.48
HO2 EDO P . -22.57 -4.80 -15.45
C1 EDO Q . -14.98 16.52 7.19
O1 EDO Q . -14.91 15.09 7.20
C2 EDO Q . -15.76 17.00 5.98
O2 EDO Q . -14.91 16.98 4.83
H11 EDO Q . -15.46 16.87 8.10
H12 EDO Q . -13.96 16.93 7.16
HO1 EDO Q . -14.41 14.79 7.97
H21 EDO Q . -16.62 16.35 5.81
H22 EDO Q . -16.13 18.01 6.14
HO2 EDO Q . -15.40 17.28 4.05
C1 EDO R . -25.33 -17.41 0.04
O1 EDO R . -26.40 -16.89 0.84
C2 EDO R . -24.41 -16.25 -0.34
O2 EDO R . -24.73 -15.17 0.53
H11 EDO R . -24.78 -18.17 0.59
H12 EDO R . -25.75 -17.87 -0.87
HO1 EDO R . -26.99 -17.62 1.09
H21 EDO R . -23.37 -16.55 -0.22
H22 EDO R . -24.58 -15.96 -1.38
HO2 EDO R . -24.16 -14.41 0.33
C AUV S . -4.01 3.35 -30.86
O AUV S . -3.77 3.53 -29.64
C1 AUV S . -3.72 1.99 -31.42
O1 AUV S . -0.13 -1.13 -31.12
C2 AUV S . -3.21 1.00 -30.59
O2 AUV S . -4.49 4.23 -31.64
C3 AUV S . -2.87 -0.26 -31.09
C4 AUV S . -2.32 -1.30 -30.18
C10 AUV S . -3.04 -0.50 -32.45
C11 AUV S . -3.55 0.48 -33.28
C12 AUV S . -3.90 1.72 -32.77
C5 AUV S . -3.15 -1.89 -29.23
C6 AUV S . -2.67 -2.85 -28.36
C7 AUV S . -1.36 -3.25 -28.42
C8 AUV S . -0.50 -2.68 -29.35
C9 AUV S . -0.97 -1.71 -30.22
H5 AUV S . 0.78 -1.53 -31.03
H AUV S . -3.09 1.22 -29.54
H6 AUV S . -2.77 -1.47 -32.85
H7 AUV S . -3.69 0.27 -34.34
H8 AUV S . -4.31 2.49 -33.43
H1 AUV S . -4.20 -1.58 -29.19
H2 AUV S . -3.35 -3.30 -27.63
H3 AUV S . -0.99 -4.01 -27.75
H4 AUV S . 0.54 -2.98 -29.41
C1 EDO T . -4.51 27.02 -40.19
O1 EDO T . -3.19 26.82 -40.67
C2 EDO T . -4.61 26.91 -38.68
O2 EDO T . -3.39 27.34 -38.03
H11 EDO T . -4.87 28.00 -40.50
H12 EDO T . -5.17 26.26 -40.65
HO1 EDO T . -3.18 26.91 -41.64
H21 EDO T . -5.44 27.51 -38.32
H22 EDO T . -4.80 25.86 -38.41
HO2 EDO T . -3.49 27.26 -37.07
C1 EDO U . 5.52 14.90 -53.68
O1 EDO U . 4.59 15.64 -52.88
C2 EDO U . 5.95 15.74 -54.87
O2 EDO U . 6.46 16.99 -54.42
H11 EDO U . 6.39 14.63 -53.09
H12 EDO U . 5.05 13.98 -54.03
HO1 EDO U . 4.32 15.10 -52.12
H21 EDO U . 6.73 15.21 -55.44
H22 EDO U . 5.09 15.90 -55.54
HO2 EDO U . 6.73 17.52 -55.19
#